data_8IZD
#
_entry.id   8IZD
#
_cell.length_a   1.00
_cell.length_b   1.00
_cell.length_c   1.00
_cell.angle_alpha   90.00
_cell.angle_beta   90.00
_cell.angle_gamma   90.00
#
_symmetry.space_group_name_H-M   'P 1'
#
loop_
_entity.id
_entity.type
_entity.pdbx_description
1 polymer 'Ceramide synthase LAC1'
2 polymer 'Ceramide synthase subunit LIP1'
3 non-polymer '(4S,7R)-4-HYDROXY-N,N,N-TRIMETHYL-9-OXO-7-[(PALMITOYLOXY)METHYL]-3,5,8-TRIOXA-4-PHOSPHAHEXACOSAN-1-AMINIUM 4-OXIDE'
4 non-polymer Hexacosanoyl-CoA
#
loop_
_entity_poly.entity_id
_entity_poly.type
_entity_poly.pdbx_seq_one_letter_code
_entity_poly.pdbx_strand_id
1 'polypeptide(L)'
;MSTIKPSPSNNNLKVRSRPRRKSSIGKIDLGDTVPSLGTMFETKESKTAAKRRMQRLSEATKNDSDLVKKIWFSFREISY
RHAWIAPLMILIAVYSAYFTSGNTTKTNVLHRFVAVSYQIGDTNAYGKGINDLCFVFYYMIFFTFLREFLMDVVIRPFAI
RLHVTSKHRIKRIMEQMYAIFYTGVSGPFGIYCMYHSDLWFFNTKAMYRTYPDFTNPFLFKVFYLGQAAFWAQQACILVL
QLEKPRKDHNELTFHHIVTLLLIWSSYVFHFTKMGLPIYITMDVSDFLLSFSKTLNYLDSGLAFFSFAIFVVAWIYLRHY
INLKILWSVLTQFRTEGNYVLNFATQQYKCWISLPIVFVLIGALQLVNLYWLFLIFRVLYRILWRGILKDDRSDSESDEE
SDESSTTPTDSTPTKKDILEDYKDDDDK
;
A,C
2 'polypeptide(L)'
;MSQPTPIITTKSAAKPKPKIFNLFRVCFISLLLIAAVEYFKYGTRINYEWFHCTPIKEPQSGSVIKLWARGGPSCDKRGE
YKTIVKRITRDYEPNDEHLSFCIIENDNVPPVHYPIHEDKGEPGYVAYVGYDTDSELVQELCADSTIYHM
;
B,D
#
loop_
_chem_comp.id
_chem_comp.type
_chem_comp.name
_chem_comp.formula
6PL non-polymer '(4S,7R)-4-HYDROXY-N,N,N-TRIMETHYL-9-OXO-7-[(PALMITOYLOXY)METHYL]-3,5,8-TRIOXA-4-PHOSPHAHEXACOSAN-1-AMINIUM 4-OXIDE' 'C42 H85 N O8 P 1'
9NY non-polymer Hexacosanoyl-CoA 'C47 H86 N7 O17 P3 S'
#
# COMPACT_ATOMS: atom_id res chain seq x y z
N ILE A 71 26.27 45.01 6.44
CA ILE A 71 24.90 45.19 5.98
C ILE A 71 24.01 44.02 6.44
N TRP A 72 24.58 42.84 6.56
CA TRP A 72 23.88 41.60 6.94
C TRP A 72 22.91 41.42 8.14
N PHE A 73 23.28 41.79 9.37
CA PHE A 73 22.30 41.59 10.42
C PHE A 73 21.29 42.67 10.59
N SER A 74 21.63 43.77 9.93
CA SER A 74 20.76 44.90 9.72
C SER A 74 19.76 44.19 8.83
N PHE A 75 20.17 43.56 7.73
CA PHE A 75 19.21 42.78 6.96
C PHE A 75 18.38 41.80 7.72
N ARG A 76 18.87 40.90 8.57
CA ARG A 76 17.83 40.09 9.28
C ARG A 76 16.90 40.89 10.16
N GLU A 77 17.36 41.93 10.82
CA GLU A 77 16.44 42.72 11.62
C GLU A 77 15.41 43.37 10.72
N ILE A 78 15.85 43.90 9.57
CA ILE A 78 14.99 44.56 8.62
C ILE A 78 13.97 43.61 8.21
N SER A 79 14.39 42.42 7.76
CA SER A 79 13.45 41.39 7.32
C SER A 79 12.66 40.67 8.43
N TYR A 80 12.98 40.94 9.68
CA TYR A 80 12.32 40.33 10.77
C TYR A 80 11.12 41.19 10.89
N ARG A 81 11.32 42.54 10.89
CA ARG A 81 10.24 43.51 11.02
C ARG A 81 9.12 43.16 10.06
N HIS A 82 9.50 43.32 8.78
CA HIS A 82 8.65 43.09 7.65
C HIS A 82 8.68 41.65 7.30
N ALA A 83 7.64 41.05 6.77
CA ALA A 83 7.66 39.62 6.61
C ALA A 83 7.13 39.29 5.36
N TRP A 84 7.15 40.26 4.55
CA TRP A 84 6.69 40.04 3.19
C TRP A 84 7.85 39.98 2.21
N ILE A 85 9.03 40.43 2.64
CA ILE A 85 10.16 40.64 1.74
C ILE A 85 10.65 39.34 1.13
N ALA A 86 10.74 38.27 1.94
CA ALA A 86 11.20 37.00 1.40
C ALA A 86 10.24 36.41 0.37
N PRO A 87 8.93 36.29 0.63
CA PRO A 87 8.03 35.85 -0.44
C PRO A 87 8.04 36.78 -1.65
N LEU A 88 8.16 38.09 -1.42
CA LEU A 88 8.24 39.02 -2.53
C LEU A 88 9.46 38.74 -3.40
N MET A 89 10.61 38.49 -2.77
CA MET A 89 11.82 38.17 -3.50
C MET A 89 11.63 36.90 -4.31
N ILE A 90 11.08 35.85 -3.68
CA ILE A 90 10.89 34.58 -4.37
C ILE A 90 10.02 34.77 -5.61
N LEU A 91 8.86 35.41 -5.43
CA LEU A 91 7.93 35.49 -6.55
C LEU A 91 8.40 36.47 -7.61
N ILE A 92 9.10 37.54 -7.23
CA ILE A 92 9.61 38.47 -8.24
C ILE A 92 10.71 37.79 -9.05
N ALA A 93 11.55 36.97 -8.40
CA ALA A 93 12.56 36.23 -9.13
C ALA A 93 11.93 35.27 -10.12
N VAL A 94 10.92 34.51 -9.67
CA VAL A 94 10.27 33.56 -10.56
C VAL A 94 9.58 34.27 -11.72
N TYR A 95 8.83 35.33 -11.42
CA TYR A 95 8.12 36.08 -12.44
C TYR A 95 9.07 36.67 -13.48
N SER A 96 10.16 37.26 -13.01
CA SER A 96 11.17 37.88 -13.86
C SER A 96 11.83 36.83 -14.76
N ALA A 97 12.20 35.70 -14.18
CA ALA A 97 12.85 34.64 -14.93
C ALA A 97 11.90 34.08 -15.98
N TYR A 98 10.60 34.02 -15.67
CA TYR A 98 9.64 33.53 -16.65
C TYR A 98 9.40 34.52 -17.78
N PHE A 99 9.30 35.81 -17.45
CA PHE A 99 9.01 36.83 -18.45
C PHE A 99 10.18 37.32 -19.29
N THR A 100 11.40 37.06 -18.83
CA THR A 100 12.59 37.50 -19.56
C THR A 100 13.19 36.37 -20.39
N SER A 101 12.72 35.15 -20.22
CA SER A 101 13.23 34.03 -21.02
C SER A 101 12.74 34.14 -22.45
N GLY A 102 11.85 35.07 -22.74
CA GLY A 102 11.37 35.28 -24.09
C GLY A 102 10.16 34.44 -24.41
N ASN A 103 10.32 33.13 -24.48
CA ASN A 103 9.17 32.32 -24.79
C ASN A 103 8.40 32.17 -23.51
N THR A 104 7.08 32.23 -23.66
CA THR A 104 6.18 32.08 -22.52
C THR A 104 5.17 30.99 -22.83
N THR A 105 5.56 30.03 -23.65
CA THR A 105 4.68 28.99 -24.13
C THR A 105 4.59 27.86 -23.09
N LYS A 106 3.94 26.79 -23.35
CA LYS A 106 3.89 25.83 -22.31
C LYS A 106 5.13 25.00 -22.09
N THR A 107 6.10 25.09 -22.97
CA THR A 107 7.29 24.24 -22.89
C THR A 107 8.25 24.63 -21.78
N ASN A 108 8.07 25.69 -20.99
CA ASN A 108 9.03 26.01 -19.91
C ASN A 108 9.01 25.02 -18.75
N VAL A 109 9.00 25.63 -17.56
CA VAL A 109 8.98 24.97 -16.28
C VAL A 109 8.43 26.03 -15.33
N LEU A 110 8.77 27.29 -15.59
CA LEU A 110 8.29 28.33 -14.82
C LEU A 110 6.91 28.27 -15.33
N HIS A 111 6.48 28.07 -16.58
CA HIS A 111 5.09 28.01 -16.90
C HIS A 111 4.34 27.04 -16.26
N ARG A 112 4.80 25.94 -15.78
CA ARG A 112 4.03 24.98 -15.04
C ARG A 112 3.68 25.53 -13.83
N PHE A 113 4.55 26.31 -13.17
CA PHE A 113 4.24 27.12 -11.91
C PHE A 113 3.59 28.43 -11.97
N VAL A 114 3.74 29.22 -12.99
CA VAL A 114 3.08 30.49 -13.04
C VAL A 114 1.98 30.63 -14.03
N ALA A 115 1.18 29.65 -14.19
CA ALA A 115 0.00 29.72 -15.04
C ALA A 115 -0.75 28.40 -14.94
N VAL A 116 -2.02 28.42 -15.35
CA VAL A 116 -2.83 27.22 -15.41
C VAL A 116 -2.41 26.42 -16.63
N SER A 117 -2.15 25.19 -16.35
CA SER A 117 -1.71 24.34 -17.33
C SER A 117 -2.84 23.69 -18.02
N TYR A 118 -2.59 22.60 -18.68
CA TYR A 118 -3.55 21.82 -19.36
C TYR A 118 -4.47 22.25 -20.37
N GLN A 119 -4.33 23.32 -21.06
CA GLN A 119 -5.28 23.76 -22.04
C GLN A 119 -5.50 22.86 -23.04
N ILE A 120 -6.67 22.34 -23.23
CA ILE A 120 -7.00 21.35 -24.23
C ILE A 120 -6.93 21.88 -25.65
N GLY A 121 -6.02 21.44 -26.49
CA GLY A 121 -5.90 21.92 -27.86
C GLY A 121 -5.71 23.42 -27.93
N ASP A 122 -6.59 24.10 -28.65
CA ASP A 122 -6.58 25.56 -28.67
C ASP A 122 -8.01 26.07 -28.47
N THR A 123 -8.76 25.40 -27.60
CA THR A 123 -10.08 25.87 -27.21
C THR A 123 -10.01 26.44 -25.81
N ASN A 124 -11.07 26.63 -25.09
CA ASN A 124 -10.92 27.13 -23.73
C ASN A 124 -11.50 26.14 -22.78
N ALA A 125 -10.78 25.10 -22.44
CA ALA A 125 -11.22 24.09 -21.57
C ALA A 125 -10.00 23.43 -21.20
N TYR A 126 -9.60 23.50 -19.95
CA TYR A 126 -8.40 23.02 -19.37
C TYR A 126 -8.52 21.80 -18.57
N GLY A 127 -7.72 20.78 -18.61
CA GLY A 127 -7.89 19.58 -17.83
C GLY A 127 -7.32 19.49 -16.49
N LYS A 128 -7.05 18.39 -15.85
CA LYS A 128 -6.48 18.34 -14.55
C LYS A 128 -5.20 17.57 -14.51
N GLY A 129 -4.22 17.83 -13.67
CA GLY A 129 -3.00 17.08 -13.41
C GLY A 129 -2.20 17.54 -12.21
N ILE A 130 -0.88 17.41 -12.27
CA ILE A 130 -0.01 17.68 -11.13
C ILE A 130 0.52 19.10 -11.24
N ASN A 131 0.45 19.65 -12.45
CA ASN A 131 0.83 21.02 -12.68
C ASN A 131 -0.09 21.83 -11.76
N ASP A 132 -1.34 21.39 -11.65
CA ASP A 132 -2.29 22.06 -10.76
C ASP A 132 -1.74 22.16 -9.34
N LEU A 133 -1.12 21.09 -8.85
CA LEU A 133 -0.48 21.15 -7.53
C LEU A 133 0.67 22.15 -7.52
N CYS A 134 1.45 22.19 -8.59
CA CYS A 134 2.54 23.16 -8.65
C CYS A 134 1.99 24.59 -8.63
N PHE A 135 0.93 24.86 -9.39
CA PHE A 135 0.30 26.16 -9.39
C PHE A 135 -0.24 26.52 -8.01
N VAL A 136 -0.89 25.56 -7.35
CA VAL A 136 -1.43 25.80 -6.02
C VAL A 136 -0.33 26.14 -5.04
N PHE A 137 0.79 25.41 -5.08
CA PHE A 137 1.88 25.70 -4.15
C PHE A 137 2.52 27.06 -4.43
N TYR A 138 2.78 27.38 -5.70
CA TYR A 138 3.34 28.68 -5.98
C TYR A 138 2.41 29.80 -5.55
N TYR A 139 1.10 29.64 -5.60
CA TYR A 139 0.14 30.66 -5.12
C TYR A 139 0.12 30.59 -3.68
N MET A 140 0.25 29.51 -2.96
CA MET A 140 0.51 29.64 -1.53
C MET A 140 1.59 30.67 -1.28
N ILE A 141 2.72 30.53 -1.99
CA ILE A 141 3.82 31.46 -1.81
C ILE A 141 3.38 32.88 -2.12
N PHE A 142 2.50 33.09 -3.08
CA PHE A 142 2.05 34.40 -3.47
C PHE A 142 1.06 34.94 -2.61
N PHE A 143 0.37 34.16 -1.86
CA PHE A 143 -0.70 34.68 -1.07
C PHE A 143 -0.16 34.97 0.17
N THR A 144 0.83 34.29 0.62
CA THR A 144 1.51 34.70 1.85
C THR A 144 2.10 36.10 1.71
N PHE A 145 2.91 36.36 0.78
CA PHE A 145 3.38 37.63 0.55
C PHE A 145 2.32 38.41 0.53
N LEU A 146 1.13 38.15 0.01
CA LEU A 146 0.09 39.24 -0.09
C LEU A 146 -0.42 39.64 1.10
N ARG A 147 -0.61 38.71 1.95
CA ARG A 147 -1.13 38.88 3.18
C ARG A 147 -0.33 39.73 3.92
N GLU A 148 0.91 39.50 4.06
CA GLU A 148 1.78 40.23 4.81
C GLU A 148 1.99 41.48 4.24
N PHE A 149 2.10 41.64 2.95
CA PHE A 149 2.32 42.93 2.47
C PHE A 149 1.22 43.75 2.73
N LEU A 150 0.03 43.29 2.44
CA LEU A 150 -1.15 44.10 2.51
C LEU A 150 -1.35 44.48 3.80
N MET A 151 -1.63 43.52 4.68
CA MET A 151 -1.91 43.74 6.08
C MET A 151 -0.96 44.69 6.77
N ASP A 152 0.34 44.48 6.60
CA ASP A 152 1.21 45.35 7.26
C ASP A 152 1.23 46.67 6.62
N VAL A 153 1.59 46.77 5.35
CA VAL A 153 1.69 48.05 4.63
C VAL A 153 0.47 48.97 4.51
N VAL A 154 -0.72 48.45 4.22
CA VAL A 154 -1.81 49.32 4.04
C VAL A 154 -2.63 49.20 5.18
N ILE A 155 -2.73 48.02 5.78
CA ILE A 155 -3.82 47.94 6.65
C ILE A 155 -3.39 48.43 7.89
N ARG A 156 -2.19 48.09 8.36
CA ARG A 156 -1.72 48.58 9.65
C ARG A 156 -1.67 50.11 9.71
N PRO A 157 -1.26 50.73 8.59
CA PRO A 157 -1.14 52.19 8.47
C PRO A 157 -2.49 52.92 8.45
N PHE A 158 -3.51 52.30 7.89
CA PHE A 158 -4.84 52.93 7.81
C PHE A 158 -5.45 52.72 9.15
N ALA A 159 -5.18 51.60 9.78
CA ALA A 159 -5.67 51.36 11.08
C ALA A 159 -5.10 52.31 11.99
N ILE A 160 -3.82 52.66 11.88
CA ILE A 160 -3.34 53.67 12.81
C ILE A 160 -3.38 55.09 12.33
N ARG A 161 -4.20 55.30 11.35
CA ARG A 161 -4.58 56.61 11.03
C ARG A 161 -5.76 56.78 11.86
N LEU A 162 -6.63 55.79 11.79
CA LEU A 162 -7.98 55.75 12.36
C LEU A 162 -8.33 56.20 13.67
N HIS A 163 -7.39 56.20 14.59
CA HIS A 163 -7.57 56.68 15.99
C HIS A 163 -8.17 55.71 17.03
N VAL A 164 -8.73 54.65 16.49
CA VAL A 164 -9.09 53.55 17.29
C VAL A 164 -7.68 53.09 17.57
N THR A 165 -7.31 53.06 18.81
CA THR A 165 -5.98 52.69 19.18
C THR A 165 -5.89 51.80 20.40
N SER A 166 -5.51 50.52 20.24
CA SER A 166 -5.35 49.53 21.36
C SER A 166 -4.69 48.19 20.97
N LYS A 167 -5.23 47.00 21.26
CA LYS A 167 -4.66 45.66 20.84
C LYS A 167 -5.61 44.41 20.73
N HIS A 168 -6.70 44.48 21.35
CA HIS A 168 -7.55 43.34 21.05
C HIS A 168 -8.21 43.97 19.87
N ARG A 169 -8.80 45.16 20.01
CA ARG A 169 -9.44 45.84 18.94
C ARG A 169 -8.51 46.06 17.84
N ILE A 170 -7.28 46.55 17.90
CA ILE A 170 -6.58 46.62 16.62
C ILE A 170 -5.98 45.39 16.12
N LYS A 171 -5.55 44.52 16.83
CA LYS A 171 -5.06 43.47 15.96
C LYS A 171 -6.18 42.77 15.32
N ARG A 172 -7.37 42.70 15.92
CA ARG A 172 -8.50 42.04 15.33
C ARG A 172 -9.16 42.85 14.32
N ILE A 173 -9.09 44.17 14.32
CA ILE A 173 -9.63 44.92 13.17
C ILE A 173 -8.71 44.63 12.13
N MET A 174 -7.39 44.62 12.32
CA MET A 174 -6.56 44.31 11.22
C MET A 174 -6.82 43.03 10.60
N GLU A 175 -7.07 41.97 11.34
CA GLU A 175 -7.35 40.76 10.60
C GLU A 175 -8.62 40.81 9.90
N GLN A 176 -9.63 41.58 10.27
CA GLN A 176 -10.85 41.70 9.50
C GLN A 176 -10.70 42.39 8.33
N MET A 177 -9.89 43.44 8.41
CA MET A 177 -9.56 44.28 7.29
C MET A 177 -8.95 43.51 6.13
N TYR A 178 -8.32 42.34 6.35
CA TYR A 178 -7.83 41.80 5.22
C TYR A 178 -8.87 40.92 4.72
N ALA A 179 -9.88 40.47 5.47
CA ALA A 179 -10.93 39.59 5.00
C ALA A 179 -11.86 40.22 4.18
N ILE A 180 -12.13 41.47 4.37
CA ILE A 180 -12.96 42.15 3.47
C ILE A 180 -12.22 42.42 2.22
N PHE A 181 -10.94 42.48 2.13
CA PHE A 181 -10.27 42.74 0.90
C PHE A 181 -10.36 41.62 0.13
N TYR A 182 -10.02 40.50 0.70
CA TYR A 182 -10.07 39.40 -0.23
C TYR A 182 -11.33 38.91 -0.58
N THR A 183 -12.35 39.12 0.25
CA THR A 183 -13.69 38.65 -0.02
C THR A 183 -14.34 39.49 -1.11
N GLY A 184 -13.96 40.75 -1.20
CA GLY A 184 -14.53 41.59 -2.20
C GLY A 184 -13.93 40.99 -3.38
N VAL A 185 -12.65 40.75 -3.48
CA VAL A 185 -12.16 40.15 -4.71
C VAL A 185 -12.69 38.79 -5.07
N SER A 186 -12.82 37.89 -4.14
CA SER A 186 -13.30 36.58 -4.44
C SER A 186 -14.76 36.53 -4.60
N GLY A 187 -15.53 37.32 -3.89
CA GLY A 187 -16.96 37.34 -3.98
C GLY A 187 -17.25 37.62 -5.35
N PRO A 188 -16.73 38.73 -5.91
CA PRO A 188 -17.09 38.95 -7.27
C PRO A 188 -16.50 38.20 -8.27
N PHE A 189 -15.44 37.51 -8.02
CA PHE A 189 -14.93 36.73 -9.04
C PHE A 189 -15.79 35.65 -9.17
N GLY A 190 -16.13 34.99 -8.10
CA GLY A 190 -17.03 33.87 -8.23
C GLY A 190 -18.34 34.13 -8.85
N ILE A 191 -19.00 35.26 -8.59
CA ILE A 191 -20.30 35.47 -9.19
C ILE A 191 -20.14 35.72 -10.57
N TYR A 192 -19.11 36.43 -10.96
CA TYR A 192 -18.86 36.65 -12.32
C TYR A 192 -18.64 35.40 -12.99
N CYS A 193 -17.88 34.48 -12.47
CA CYS A 193 -17.71 33.18 -13.07
C CYS A 193 -18.87 32.39 -13.22
N MET A 194 -19.91 32.51 -12.43
CA MET A 194 -21.07 31.72 -12.68
C MET A 194 -22.00 32.43 -13.55
N TYR A 195 -21.79 33.67 -13.84
CA TYR A 195 -22.64 34.34 -14.79
C TYR A 195 -22.39 33.86 -16.22
N HIS A 196 -21.12 33.76 -16.58
CA HIS A 196 -20.79 33.35 -17.92
C HIS A 196 -20.98 31.85 -18.03
N SER A 197 -22.05 31.31 -17.44
CA SER A 197 -22.19 29.87 -17.57
C SER A 197 -23.55 29.43 -17.67
N ASP A 198 -23.79 28.19 -17.37
CA ASP A 198 -25.13 27.61 -17.46
C ASP A 198 -25.80 27.47 -16.21
N LEU A 199 -25.14 27.86 -15.14
CA LEU A 199 -25.57 27.77 -13.77
C LEU A 199 -25.99 29.13 -13.29
N TRP A 200 -26.83 29.86 -13.99
CA TRP A 200 -27.03 31.16 -13.47
C TRP A 200 -28.02 31.23 -12.36
N PHE A 201 -27.65 31.94 -11.28
CA PHE A 201 -28.41 31.98 -10.03
C PHE A 201 -28.68 30.59 -9.46
N PHE A 202 -27.58 29.88 -9.22
CA PHE A 202 -27.60 28.52 -8.68
C PHE A 202 -28.67 27.68 -9.35
N ASN A 203 -28.45 27.28 -10.61
CA ASN A 203 -29.47 26.46 -11.25
C ASN A 203 -29.04 25.11 -11.12
N THR A 204 -29.62 24.33 -10.33
CA THR A 204 -29.24 22.99 -10.00
C THR A 204 -29.40 22.05 -11.19
N LYS A 205 -30.41 22.25 -11.89
CA LYS A 205 -30.49 21.36 -13.05
C LYS A 205 -29.11 21.17 -13.74
N ALA A 206 -28.34 22.26 -13.86
CA ALA A 206 -27.03 22.36 -14.46
C ALA A 206 -25.89 21.90 -13.85
N MET A 207 -25.78 21.79 -12.58
CA MET A 207 -24.65 21.24 -11.95
C MET A 207 -24.39 19.81 -12.33
N TYR A 208 -25.40 19.01 -12.58
CA TYR A 208 -25.25 17.69 -12.97
C TYR A 208 -25.63 17.44 -14.32
N ARG A 209 -26.32 18.27 -15.06
CA ARG A 209 -26.71 17.79 -16.40
C ARG A 209 -25.68 17.24 -17.31
N THR A 210 -24.50 17.58 -17.04
CA THR A 210 -23.31 16.96 -17.60
C THR A 210 -22.27 16.72 -16.49
N TYR A 211 -22.29 15.53 -15.90
CA TYR A 211 -21.47 15.31 -14.70
C TYR A 211 -20.01 15.04 -14.99
N PRO A 212 -19.67 14.15 -15.89
CA PRO A 212 -18.23 14.14 -15.60
C PRO A 212 -17.36 15.35 -15.67
N ASP A 213 -17.46 16.34 -16.53
CA ASP A 213 -16.58 17.50 -16.45
C ASP A 213 -15.09 17.27 -16.28
N PHE A 214 -14.42 16.68 -17.25
CA PHE A 214 -13.02 16.46 -17.06
C PHE A 214 -12.29 17.68 -17.38
N THR A 215 -12.93 18.78 -17.65
CA THR A 215 -12.18 19.89 -17.99
C THR A 215 -13.03 21.03 -17.83
N ASN A 216 -12.70 21.94 -16.97
CA ASN A 216 -13.47 23.17 -16.84
C ASN A 216 -12.88 24.31 -17.57
N PRO A 217 -13.31 25.55 -17.51
CA PRO A 217 -12.71 26.63 -18.26
C PRO A 217 -11.62 27.29 -17.68
N PHE A 218 -11.30 28.40 -18.25
CA PHE A 218 -10.13 28.98 -17.90
C PHE A 218 -10.44 29.53 -16.71
N LEU A 219 -11.27 30.56 -16.64
CA LEU A 219 -11.51 31.32 -15.48
C LEU A 219 -11.92 30.52 -14.45
N PHE A 220 -12.86 29.67 -14.56
CA PHE A 220 -13.31 28.77 -13.59
C PHE A 220 -12.31 27.90 -13.08
N LYS A 221 -11.31 27.44 -13.76
CA LYS A 221 -10.26 26.62 -13.23
C LYS A 221 -9.42 27.41 -12.44
N VAL A 222 -9.24 28.68 -12.82
CA VAL A 222 -8.40 29.60 -12.06
C VAL A 222 -9.02 29.98 -10.71
N PHE A 223 -10.35 30.11 -10.68
CA PHE A 223 -11.03 30.48 -9.48
C PHE A 223 -10.90 29.32 -8.66
N TYR A 224 -11.12 28.14 -9.15
CA TYR A 224 -10.98 27.00 -8.31
C TYR A 224 -9.68 26.81 -7.72
N LEU A 225 -8.61 27.07 -8.38
CA LEU A 225 -7.29 26.82 -7.78
C LEU A 225 -6.72 27.98 -7.17
N GLY A 226 -7.29 29.11 -7.37
CA GLY A 226 -6.87 30.31 -6.76
C GLY A 226 -7.43 30.07 -5.45
N GLN A 227 -8.64 29.64 -5.18
CA GLN A 227 -9.08 29.38 -3.87
C GLN A 227 -8.57 28.26 -3.24
N ALA A 228 -8.00 27.25 -3.84
CA ALA A 228 -7.39 26.19 -3.07
C ALA A 228 -6.18 26.75 -2.64
N ALA A 229 -5.56 27.63 -3.43
CA ALA A 229 -4.30 28.26 -3.07
C ALA A 229 -4.50 29.16 -1.88
N PHE A 230 -5.65 29.84 -1.83
CA PHE A 230 -5.91 30.71 -0.70
C PHE A 230 -6.31 30.00 0.39
N TRP A 231 -7.14 29.01 0.50
CA TRP A 231 -7.45 28.42 1.77
C TRP A 231 -6.50 27.58 2.27
N ALA A 232 -5.68 26.92 1.53
CA ALA A 232 -4.68 26.01 1.92
C ALA A 232 -3.81 26.69 2.63
N GLN A 233 -3.26 27.73 2.20
CA GLN A 233 -2.39 28.52 2.97
C GLN A 233 -2.90 29.05 4.26
N GLN A 234 -4.15 29.32 4.45
CA GLN A 234 -4.67 29.75 5.70
C GLN A 234 -4.83 28.66 6.60
N ALA A 235 -5.06 27.49 6.11
CA ALA A 235 -5.14 26.36 6.97
C ALA A 235 -3.77 26.14 7.39
N CYS A 236 -2.78 26.23 6.52
CA CYS A 236 -1.46 26.05 6.99
C CYS A 236 -1.09 27.15 7.96
N ILE A 237 -1.49 28.39 7.84
CA ILE A 237 -1.12 29.37 8.85
C ILE A 237 -1.75 29.12 10.13
N LEU A 238 -2.94 28.54 10.25
CA LEU A 238 -3.53 28.30 11.58
C LEU A 238 -3.00 27.04 12.17
N VAL A 239 -2.26 26.24 11.45
CA VAL A 239 -1.61 25.11 12.05
C VAL A 239 -0.31 25.61 12.50
N LEU A 240 0.35 26.29 11.64
CA LEU A 240 1.62 26.75 12.02
C LEU A 240 1.59 27.26 13.37
N GLN A 241 0.43 27.42 13.97
CA GLN A 241 0.27 27.94 15.30
C GLN A 241 0.78 29.33 15.49
N LEU A 242 -0.08 30.24 15.13
CA LEU A 242 0.31 31.60 15.28
C LEU A 242 0.43 31.97 16.80
N GLU A 243 -0.69 31.87 17.56
CA GLU A 243 -0.80 32.17 18.99
C GLU A 243 -2.14 31.91 19.67
N LYS A 244 -3.03 32.90 19.53
CA LYS A 244 -4.31 32.95 20.19
C LYS A 244 -5.58 32.70 19.45
N PRO A 245 -6.24 31.62 19.79
CA PRO A 245 -7.48 31.38 19.12
C PRO A 245 -8.52 32.07 19.89
N ARG A 246 -8.91 31.34 20.94
CA ARG A 246 -9.91 31.56 21.96
C ARG A 246 -11.19 31.10 21.41
N LYS A 247 -12.24 31.79 21.84
CA LYS A 247 -13.57 31.54 21.44
C LYS A 247 -13.49 31.64 19.97
N ASP A 248 -13.69 30.40 19.47
CA ASP A 248 -13.82 29.84 18.12
C ASP A 248 -13.02 28.67 17.61
N HIS A 249 -11.74 28.89 17.50
CA HIS A 249 -10.85 28.02 16.84
C HIS A 249 -11.37 26.66 16.74
N ASN A 250 -12.38 26.34 17.49
CA ASN A 250 -12.86 24.98 17.33
C ASN A 250 -13.81 24.76 16.23
N GLU A 251 -14.80 25.65 16.16
CA GLU A 251 -15.77 25.63 15.08
C GLU A 251 -15.08 26.19 13.83
N LEU A 252 -14.10 27.08 14.01
CA LEU A 252 -13.40 27.63 12.89
C LEU A 252 -12.52 26.56 12.41
N THR A 253 -11.97 25.63 13.16
CA THR A 253 -11.17 24.58 12.51
C THR A 253 -11.99 23.63 11.82
N PHE A 254 -13.22 23.46 12.20
CA PHE A 254 -14.07 22.58 11.47
C PHE A 254 -14.23 23.25 10.17
N HIS A 255 -14.46 24.56 10.20
CA HIS A 255 -14.60 25.36 9.00
C HIS A 255 -13.42 25.14 8.05
N HIS A 256 -12.19 25.34 8.51
CA HIS A 256 -11.06 25.13 7.60
C HIS A 256 -10.84 23.83 7.06
N ILE A 257 -11.01 22.78 7.80
CA ILE A 257 -10.78 21.53 7.23
C ILE A 257 -11.86 21.24 6.31
N VAL A 258 -13.08 21.60 6.51
CA VAL A 258 -14.05 21.22 5.52
C VAL A 258 -14.08 22.01 4.28
N THR A 259 -13.59 23.20 4.31
CA THR A 259 -13.47 24.01 3.19
C THR A 259 -12.45 23.34 2.39
N LEU A 260 -11.32 22.90 2.88
CA LEU A 260 -10.36 22.27 2.11
C LEU A 260 -10.71 20.96 1.61
N LEU A 261 -11.52 20.14 2.19
CA LEU A 261 -11.83 18.89 1.61
C LEU A 261 -12.81 19.15 0.64
N LEU A 262 -13.68 20.12 0.69
CA LEU A 262 -14.59 20.28 -0.38
C LEU A 262 -13.90 20.80 -1.52
N ILE A 263 -12.91 21.64 -1.42
CA ILE A 263 -12.27 22.13 -2.59
C ILE A 263 -11.55 21.03 -3.20
N TRP A 264 -10.85 20.22 -2.49
CA TRP A 264 -10.09 19.21 -3.11
C TRP A 264 -10.90 18.23 -3.61
N SER A 265 -11.95 17.84 -2.97
CA SER A 265 -12.75 16.74 -3.43
C SER A 265 -13.42 17.04 -4.58
N SER A 266 -14.20 18.12 -4.54
CA SER A 266 -14.98 18.58 -5.67
C SER A 266 -14.12 18.87 -6.89
N TYR A 267 -12.96 19.48 -6.69
CA TYR A 267 -12.16 19.76 -7.88
C TYR A 267 -11.72 18.45 -8.54
N VAL A 268 -11.18 17.54 -7.74
CA VAL A 268 -10.73 16.26 -8.23
C VAL A 268 -11.69 15.20 -8.56
N PHE A 269 -12.98 15.21 -8.31
CA PHE A 269 -13.83 14.11 -8.62
C PHE A 269 -14.74 14.64 -9.62
N HIS A 270 -14.50 15.76 -10.06
CA HIS A 270 -15.21 16.41 -11.15
C HIS A 270 -16.55 17.02 -10.74
N PHE A 271 -16.82 17.34 -9.54
CA PHE A 271 -18.04 17.97 -9.23
C PHE A 271 -17.56 19.36 -9.04
N THR A 272 -17.02 20.06 -9.92
CA THR A 272 -16.63 21.46 -9.87
C THR A 272 -17.80 22.42 -9.97
N LYS A 273 -18.78 22.13 -10.83
CA LYS A 273 -19.98 22.96 -10.91
C LYS A 273 -20.87 22.82 -9.68
N MET A 274 -20.64 21.81 -8.84
CA MET A 274 -21.21 21.81 -7.51
C MET A 274 -20.48 22.78 -6.60
N GLY A 275 -19.16 22.83 -6.73
CA GLY A 275 -18.36 23.65 -5.83
C GLY A 275 -18.51 25.13 -6.10
N LEU A 276 -18.82 25.49 -7.35
CA LEU A 276 -18.92 26.91 -7.67
C LEU A 276 -20.04 27.63 -6.92
N PRO A 277 -21.27 27.11 -6.86
CA PRO A 277 -22.31 27.84 -6.10
C PRO A 277 -21.97 28.06 -4.64
N ILE A 278 -21.36 27.08 -3.97
CA ILE A 278 -21.10 27.20 -2.54
C ILE A 278 -20.08 28.30 -2.25
N TYR A 279 -19.08 28.46 -3.12
CA TYR A 279 -18.18 29.60 -3.01
C TYR A 279 -18.93 30.91 -3.01
N ILE A 280 -19.93 31.05 -3.87
CA ILE A 280 -20.66 32.31 -3.98
C ILE A 280 -21.33 32.62 -2.64
N THR A 281 -22.01 31.63 -2.07
CA THR A 281 -22.65 31.82 -0.78
C THR A 281 -21.65 32.21 0.29
N MET A 282 -20.57 31.44 0.40
CA MET A 282 -19.63 31.70 1.50
C MET A 282 -19.00 33.08 1.36
N ASP A 283 -18.56 33.42 0.14
CA ASP A 283 -17.91 34.71 -0.05
C ASP A 283 -18.87 35.87 0.18
N VAL A 284 -20.05 35.82 -0.43
CA VAL A 284 -20.95 36.97 -0.34
C VAL A 284 -21.47 37.14 1.09
N SER A 285 -21.58 36.05 1.86
CA SER A 285 -22.01 36.21 3.24
C SER A 285 -20.85 36.66 4.13
N ASP A 286 -19.68 36.03 4.00
CA ASP A 286 -18.54 36.35 4.82
C ASP A 286 -18.01 37.75 4.60
N PHE A 287 -18.18 38.27 3.39
CA PHE A 287 -17.76 39.63 3.08
C PHE A 287 -18.52 40.61 3.97
N LEU A 288 -19.86 40.49 3.97
CA LEU A 288 -20.69 41.34 4.79
C LEU A 288 -20.46 41.10 6.28
N LEU A 289 -20.23 39.85 6.68
CA LEU A 289 -19.92 39.57 8.07
C LEU A 289 -18.69 40.35 8.53
N SER A 290 -17.60 40.23 7.79
CA SER A 290 -16.36 40.89 8.18
C SER A 290 -16.50 42.41 8.05
N PHE A 291 -17.31 42.87 7.10
CA PHE A 291 -17.60 44.29 7.00
C PHE A 291 -18.24 44.81 8.28
N SER A 292 -19.27 44.12 8.76
CA SER A 292 -19.92 44.53 10.00
C SER A 292 -18.97 44.46 11.17
N LYS A 293 -18.14 43.41 11.23
CA LYS A 293 -17.21 43.26 12.35
C LYS A 293 -16.19 44.40 12.38
N THR A 294 -15.64 44.77 11.22
CA THR A 294 -14.75 45.93 11.19
C THR A 294 -15.48 47.21 11.59
N LEU A 295 -16.68 47.41 11.04
CA LEU A 295 -17.33 48.71 11.19
C LEU A 295 -17.83 48.91 12.61
N ASN A 296 -17.92 47.79 13.33
CA ASN A 296 -18.33 47.77 14.72
C ASN A 296 -17.06 47.98 15.54
N TYR A 297 -15.99 47.25 15.21
CA TYR A 297 -14.73 47.42 15.93
C TYR A 297 -14.34 48.89 15.98
N LEU A 298 -14.54 49.61 14.88
CA LEU A 298 -14.42 51.06 14.93
C LEU A 298 -15.65 51.64 15.60
N ASP A 299 -15.81 52.97 15.55
CA ASP A 299 -17.06 53.58 16.00
C ASP A 299 -18.17 53.07 15.09
N SER A 300 -19.42 53.06 15.58
CA SER A 300 -20.44 52.33 14.85
C SER A 300 -21.21 53.21 13.88
N GLY A 301 -21.96 54.18 14.41
CA GLY A 301 -22.73 55.06 13.54
C GLY A 301 -23.92 54.35 12.92
N LEU A 302 -23.62 53.36 12.07
CA LEU A 302 -24.64 52.61 11.35
C LEU A 302 -24.31 51.12 11.30
N ALA A 303 -23.19 50.73 11.85
CA ALA A 303 -22.88 49.36 11.60
C ALA A 303 -23.97 48.46 11.91
N PHE A 304 -25.06 48.98 12.42
CA PHE A 304 -26.18 48.09 12.67
C PHE A 304 -27.05 47.95 11.45
N PHE A 305 -26.84 48.79 10.47
CA PHE A 305 -27.45 48.58 9.23
C PHE A 305 -26.65 47.49 8.62
N SER A 306 -25.35 47.36 8.83
CA SER A 306 -24.63 46.24 8.31
C SER A 306 -24.97 45.00 9.02
N PHE A 307 -25.41 45.03 10.24
CA PHE A 307 -26.07 43.78 10.79
C PHE A 307 -27.36 43.39 10.26
N ALA A 308 -28.27 44.22 9.89
CA ALA A 308 -29.43 43.69 9.28
C ALA A 308 -28.95 43.03 8.10
N ILE A 309 -28.37 43.77 7.17
CA ILE A 309 -27.86 43.23 5.90
C ILE A 309 -27.11 41.97 5.95
N PHE A 310 -26.28 41.72 6.91
CA PHE A 310 -25.60 40.51 7.03
C PHE A 310 -26.55 39.57 7.53
N VAL A 311 -27.59 39.83 8.31
CA VAL A 311 -28.44 38.76 8.77
C VAL A 311 -29.15 38.35 7.61
N VAL A 312 -29.65 39.22 6.73
CA VAL A 312 -30.32 38.70 5.56
C VAL A 312 -29.49 38.13 4.45
N ALA A 313 -28.25 38.46 4.33
CA ALA A 313 -27.40 37.88 3.38
C ALA A 313 -27.17 36.63 3.89
N TRP A 314 -26.83 36.41 5.12
CA TRP A 314 -26.55 35.10 5.64
C TRP A 314 -27.66 34.32 5.64
N ILE A 315 -28.86 34.76 5.89
CA ILE A 315 -29.94 33.83 5.91
C ILE A 315 -30.26 33.36 4.62
N TYR A 316 -30.32 34.18 3.61
CA TYR A 316 -30.74 33.72 2.36
C TYR A 316 -29.71 32.95 1.84
N LEU A 317 -28.48 33.39 1.86
CA LEU A 317 -27.44 32.66 1.25
C LEU A 317 -27.08 31.48 1.87
N ARG A 318 -26.80 31.40 3.13
CA ARG A 318 -26.25 30.17 3.53
C ARG A 318 -27.33 29.27 3.74
N HIS A 319 -28.51 29.69 4.15
CA HIS A 319 -29.49 28.68 4.49
C HIS A 319 -30.23 28.39 3.48
N TYR A 320 -30.96 29.20 2.86
CA TYR A 320 -31.78 28.77 1.81
C TYR A 320 -31.09 28.32 0.73
N ILE A 321 -29.95 28.94 0.43
CA ILE A 321 -29.14 28.56 -0.72
C ILE A 321 -28.75 27.10 -0.66
N ASN A 322 -28.10 26.71 0.43
CA ASN A 322 -27.71 25.37 0.57
C ASN A 322 -28.71 24.44 0.96
N LEU A 323 -29.87 24.75 1.42
CA LEU A 323 -30.87 23.76 1.71
C LEU A 323 -31.32 23.47 0.36
N LYS A 324 -31.59 24.40 -0.52
CA LYS A 324 -31.91 23.99 -1.85
C LYS A 324 -30.81 23.25 -2.54
N ILE A 325 -29.53 23.46 -2.33
CA ILE A 325 -28.55 22.63 -3.01
C ILE A 325 -28.55 21.31 -2.40
N LEU A 326 -28.79 21.12 -1.11
CA LEU A 326 -28.78 19.80 -0.53
C LEU A 326 -29.95 19.03 -0.91
N TRP A 327 -31.06 19.61 -1.16
CA TRP A 327 -32.13 18.80 -1.61
C TRP A 327 -32.00 18.52 -3.02
N SER A 328 -31.17 19.31 -3.71
CA SER A 328 -30.88 19.08 -5.11
C SER A 328 -30.13 17.76 -5.10
N VAL A 329 -29.12 17.67 -4.24
CA VAL A 329 -28.39 16.43 -4.11
C VAL A 329 -29.26 15.28 -3.95
N LEU A 330 -30.21 15.14 -3.03
CA LEU A 330 -31.02 13.84 -3.10
C LEU A 330 -31.82 13.69 -4.37
N THR A 331 -32.67 14.65 -4.56
CA THR A 331 -33.45 14.56 -5.70
C THR A 331 -32.82 14.65 -7.04
N GLN A 332 -31.81 15.40 -7.34
CA GLN A 332 -31.44 15.49 -8.73
C GLN A 332 -30.21 14.96 -8.94
N PHE A 333 -29.54 14.34 -7.96
CA PHE A 333 -28.34 13.68 -8.30
C PHE A 333 -29.02 12.53 -8.88
N ARG A 334 -30.07 11.87 -8.31
CA ARG A 334 -30.55 10.75 -8.96
C ARG A 334 -31.07 10.84 -10.30
N THR A 335 -32.01 11.62 -10.53
CA THR A 335 -32.75 11.70 -11.79
C THR A 335 -32.17 12.67 -12.80
N GLU A 336 -30.87 12.97 -12.74
CA GLU A 336 -30.25 13.84 -13.71
C GLU A 336 -28.92 13.25 -14.14
N GLY A 337 -28.52 13.51 -15.39
CA GLY A 337 -27.23 13.03 -15.85
C GLY A 337 -27.22 11.53 -16.02
N ASN A 338 -26.05 10.94 -15.80
CA ASN A 338 -25.85 9.49 -15.91
C ASN A 338 -25.64 8.93 -14.51
N TYR A 339 -26.42 7.93 -14.14
CA TYR A 339 -26.44 7.42 -12.78
C TYR A 339 -25.90 6.00 -12.65
N VAL A 340 -25.18 5.49 -13.64
CA VAL A 340 -24.53 4.19 -13.57
C VAL A 340 -23.09 4.39 -13.14
N LEU A 341 -22.54 3.44 -12.37
CA LEU A 341 -21.25 3.67 -11.74
C LEU A 341 -20.13 3.78 -12.76
N ASN A 342 -20.01 2.82 -13.66
CA ASN A 342 -19.12 2.93 -14.83
C ASN A 342 -17.73 3.46 -14.50
N PHE A 343 -16.95 2.69 -13.73
CA PHE A 343 -15.63 3.12 -13.30
C PHE A 343 -14.70 3.48 -14.46
N ALA A 344 -14.87 2.88 -15.63
CA ALA A 344 -13.96 3.09 -16.75
C ALA A 344 -14.07 4.49 -17.35
N THR A 345 -15.27 5.08 -17.34
CA THR A 345 -15.48 6.43 -17.83
C THR A 345 -15.19 7.47 -16.75
N GLN A 346 -14.87 7.01 -15.54
CA GLN A 346 -14.54 7.89 -14.43
C GLN A 346 -15.69 8.76 -13.92
N GLN A 347 -16.91 8.32 -14.17
CA GLN A 347 -18.09 9.01 -13.68
C GLN A 347 -18.51 8.29 -12.41
N TYR A 348 -18.45 8.98 -11.28
CA TYR A 348 -18.78 8.36 -10.01
C TYR A 348 -20.14 8.81 -9.47
N LYS A 349 -20.95 9.47 -10.29
CA LYS A 349 -22.28 9.90 -9.86
C LYS A 349 -23.17 8.67 -9.79
N CYS A 350 -23.25 8.07 -8.61
CA CYS A 350 -24.00 6.82 -8.44
C CYS A 350 -24.71 6.81 -7.09
N TRP A 351 -25.19 5.62 -6.68
CA TRP A 351 -25.86 5.45 -5.41
C TRP A 351 -24.88 5.38 -4.24
N ILE A 352 -23.59 5.37 -4.51
CA ILE A 352 -22.58 5.23 -3.47
C ILE A 352 -22.06 6.62 -3.09
N SER A 353 -21.83 7.47 -4.10
CA SER A 353 -21.32 8.81 -3.88
C SER A 353 -22.36 9.76 -3.32
N LEU A 354 -23.64 9.44 -3.46
CA LEU A 354 -24.70 10.28 -2.93
C LEU A 354 -24.60 10.41 -1.41
N PRO A 355 -24.40 9.29 -0.66
CA PRO A 355 -24.16 9.44 0.78
C PRO A 355 -22.99 10.36 1.11
N ILE A 356 -21.88 10.23 0.38
CA ILE A 356 -20.70 11.04 0.70
C ILE A 356 -20.97 12.52 0.43
N VAL A 357 -21.58 12.83 -0.71
CA VAL A 357 -21.90 14.21 -1.02
C VAL A 357 -22.87 14.79 0.01
N PHE A 358 -23.90 14.02 0.36
CA PHE A 358 -24.86 14.50 1.33
C PHE A 358 -24.20 14.72 2.69
N VAL A 359 -23.30 13.84 3.08
CA VAL A 359 -22.60 14.01 4.36
C VAL A 359 -21.78 15.28 4.36
N LEU A 360 -21.06 15.55 3.26
CA LEU A 360 -20.21 16.75 3.22
C LEU A 360 -21.03 18.03 3.30
N ILE A 361 -22.04 18.17 2.43
CA ILE A 361 -22.83 19.39 2.50
C ILE A 361 -23.68 19.43 3.78
N GLY A 362 -24.02 18.28 4.36
CA GLY A 362 -24.72 18.28 5.63
C GLY A 362 -23.84 18.77 6.76
N ALA A 363 -22.55 18.43 6.72
CA ALA A 363 -21.61 18.99 7.68
C ALA A 363 -21.49 20.49 7.53
N LEU A 364 -21.39 20.99 6.30
CA LEU A 364 -21.44 22.43 6.09
C LEU A 364 -22.70 23.04 6.68
N GLN A 365 -23.86 22.42 6.46
CA GLN A 365 -25.10 22.99 6.94
C GLN A 365 -25.20 22.91 8.47
N LEU A 366 -24.62 21.88 9.08
CA LEU A 366 -24.58 21.82 10.53
C LEU A 366 -23.77 22.98 11.10
N VAL A 367 -22.60 23.23 10.55
CA VAL A 367 -21.84 24.30 11.08
C VAL A 367 -22.48 25.56 10.79
N ASN A 368 -23.26 25.70 9.77
CA ASN A 368 -23.85 26.93 9.49
C ASN A 368 -24.92 27.10 10.29
N LEU A 369 -25.66 26.17 10.83
CA LEU A 369 -26.74 26.53 11.76
C LEU A 369 -26.10 26.73 13.06
N TYR A 370 -24.96 26.19 13.36
CA TYR A 370 -24.29 26.47 14.57
C TYR A 370 -23.89 27.86 14.52
N TRP A 371 -23.42 28.46 13.41
CA TRP A 371 -23.17 29.88 13.41
C TRP A 371 -24.37 30.61 13.38
N LEU A 372 -25.49 30.08 12.99
CA LEU A 372 -26.73 30.73 13.09
C LEU A 372 -27.19 30.76 14.42
N PHE A 373 -26.85 29.84 15.31
CA PHE A 373 -27.30 29.99 16.66
C PHE A 373 -26.48 31.04 17.26
N LEU A 374 -25.20 31.13 16.97
CA LEU A 374 -24.43 32.26 17.52
C LEU A 374 -25.01 33.57 17.03
N ILE A 375 -25.39 33.68 15.79
CA ILE A 375 -25.89 34.90 15.30
C ILE A 375 -27.17 35.26 15.84
N PHE A 376 -28.03 34.31 16.14
CA PHE A 376 -29.39 34.62 16.66
C PHE A 376 -29.44 34.82 18.11
N ARG A 377 -28.45 34.27 18.77
CA ARG A 377 -28.30 34.53 20.16
C ARG A 377 -27.86 35.97 20.21
N VAL A 378 -26.89 36.38 19.38
CA VAL A 378 -26.50 37.73 19.44
C VAL A 378 -27.56 38.56 19.01
N LEU A 379 -28.38 38.29 18.02
CA LEU A 379 -29.43 39.24 17.68
C LEU A 379 -30.37 39.52 18.85
N TYR A 380 -31.09 38.61 19.48
CA TYR A 380 -31.97 38.96 20.63
C TYR A 380 -31.27 39.44 21.84
N ARG A 381 -29.96 39.22 21.90
CA ARG A 381 -29.19 39.50 23.08
C ARG A 381 -28.85 40.89 23.14
N ILE A 382 -28.19 41.30 22.08
CA ILE A 382 -27.71 42.61 21.94
C ILE A 382 -28.87 43.47 21.87
N LEU A 383 -29.80 43.26 20.97
CA LEU A 383 -30.96 44.12 20.92
C LEU A 383 -31.70 44.22 22.26
N TRP A 384 -31.88 43.07 22.94
CA TRP A 384 -32.46 43.08 24.30
C TRP A 384 -31.60 43.03 25.57
N ARG A 385 -30.52 43.79 25.55
CA ARG A 385 -29.75 44.01 26.73
C ARG A 385 -29.36 45.46 26.78
N LYS B 19 4.82 23.61 16.47
CA LYS B 19 4.67 24.81 15.66
C LYS B 19 4.99 24.51 14.19
N ILE B 20 6.23 24.29 13.92
CA ILE B 20 6.58 23.97 12.62
C ILE B 20 6.55 22.55 12.42
N PHE B 21 6.68 21.74 13.45
CA PHE B 21 6.70 20.32 13.14
C PHE B 21 5.38 19.93 12.80
N ASN B 22 4.43 20.38 13.56
CA ASN B 22 3.08 20.14 13.34
C ASN B 22 2.72 20.50 11.91
N LEU B 23 3.08 21.68 11.42
CA LEU B 23 2.84 22.12 10.07
C LEU B 23 3.40 21.18 9.15
N PHE B 24 4.65 20.80 9.18
CA PHE B 24 5.14 19.88 8.16
C PHE B 24 4.52 18.52 8.22
N ARG B 25 4.16 18.06 9.38
CA ARG B 25 3.55 16.76 9.46
C ARG B 25 2.21 16.85 8.87
N VAL B 26 1.44 17.89 9.05
CA VAL B 26 0.13 17.94 8.39
C VAL B 26 0.32 18.12 6.93
N CYS B 27 1.32 18.83 6.47
CA CYS B 27 1.54 18.92 5.04
C CYS B 27 1.91 17.61 4.41
N PHE B 28 2.17 16.56 5.12
CA PHE B 28 2.61 15.38 4.44
C PHE B 28 1.60 14.30 4.51
N ILE B 29 0.60 14.45 5.34
CA ILE B 29 -0.48 13.56 5.39
C ILE B 29 -1.48 14.07 4.42
N SER B 30 -1.58 15.35 4.19
CA SER B 30 -2.51 15.84 3.27
C SER B 30 -2.02 15.45 1.99
N LEU B 31 -0.78 15.59 1.64
CA LEU B 31 -0.26 15.11 0.39
C LEU B 31 -0.27 13.67 0.24
N LEU B 32 -0.17 12.90 1.29
CA LEU B 32 -0.28 11.46 1.14
C LEU B 32 -1.60 11.18 0.77
N LEU B 33 -2.60 11.74 1.38
CA LEU B 33 -3.95 11.44 0.97
C LEU B 33 -4.34 12.03 -0.32
N ILE B 34 -3.69 13.03 -0.85
CA ILE B 34 -4.01 13.53 -2.13
C ILE B 34 -3.59 12.49 -3.00
N ALA B 35 -2.39 11.96 -2.86
CA ALA B 35 -2.00 10.88 -3.73
C ALA B 35 -2.68 9.64 -3.51
N ALA B 36 -3.24 9.33 -2.37
CA ALA B 36 -3.92 8.07 -2.22
C ALA B 36 -5.07 8.18 -2.95
N VAL B 37 -5.85 9.26 -2.92
CA VAL B 37 -7.00 9.26 -3.83
C VAL B 37 -6.76 9.38 -5.23
N GLU B 38 -5.63 9.84 -5.68
CA GLU B 38 -5.38 9.82 -7.11
C GLU B 38 -5.10 8.50 -7.55
N TYR B 39 -4.68 7.63 -6.70
CA TYR B 39 -4.41 6.29 -7.08
C TYR B 39 -5.62 5.47 -6.99
N PHE B 40 -6.71 5.93 -6.45
CA PHE B 40 -7.91 5.20 -6.40
C PHE B 40 -8.38 5.46 -7.73
N LYS B 41 -8.53 6.64 -8.25
CA LYS B 41 -9.01 6.84 -9.58
C LYS B 41 -8.34 6.20 -10.65
N TYR B 42 -7.07 6.25 -10.68
CA TYR B 42 -6.29 5.62 -11.68
C TYR B 42 -6.36 4.23 -11.54
N GLY B 43 -6.16 3.72 -10.39
CA GLY B 43 -6.16 2.32 -10.17
C GLY B 43 -7.41 1.76 -10.44
N THR B 44 -8.57 2.30 -10.18
CA THR B 44 -9.79 1.58 -10.47
C THR B 44 -10.22 1.79 -11.80
N ARG B 45 -9.65 2.66 -12.55
CA ARG B 45 -10.00 2.91 -13.85
C ARG B 45 -9.31 2.08 -14.69
N ILE B 46 -8.05 1.74 -14.42
CA ILE B 46 -7.38 0.91 -15.43
C ILE B 46 -7.81 -0.42 -15.34
N ASN B 47 -8.15 -0.86 -14.23
CA ASN B 47 -8.69 -2.19 -14.06
C ASN B 47 -10.05 -2.13 -13.36
N TYR B 48 -11.09 -2.01 -14.17
CA TYR B 48 -12.47 -1.95 -13.70
C TYR B 48 -13.20 -3.26 -13.94
N GLU B 49 -12.55 -4.22 -14.57
CA GLU B 49 -13.20 -5.42 -15.04
C GLU B 49 -13.62 -6.35 -13.91
N TRP B 50 -13.15 -5.90 -12.74
CA TRP B 50 -13.41 -6.58 -11.54
C TRP B 50 -14.31 -6.08 -10.64
N PHE B 51 -14.65 -4.87 -10.77
CA PHE B 51 -15.70 -4.14 -10.05
C PHE B 51 -17.07 -4.35 -10.66
N HIS B 52 -17.15 -4.47 -11.99
CA HIS B 52 -18.43 -4.56 -12.68
C HIS B 52 -18.71 -5.94 -13.27
N CYS B 53 -17.68 -6.66 -13.70
CA CYS B 53 -17.85 -7.95 -14.36
C CYS B 53 -17.50 -9.07 -13.40
N THR B 54 -18.39 -10.05 -13.29
CA THR B 54 -18.17 -11.22 -12.43
C THR B 54 -17.96 -12.45 -13.32
N PRO B 55 -16.79 -13.07 -13.32
CA PRO B 55 -16.55 -14.20 -14.23
C PRO B 55 -17.31 -15.45 -13.84
N ILE B 56 -18.23 -15.88 -14.70
CA ILE B 56 -18.98 -17.11 -14.50
C ILE B 56 -18.38 -18.18 -15.38
N LYS B 57 -17.97 -19.29 -14.78
CA LYS B 57 -17.36 -20.41 -15.50
C LYS B 57 -18.26 -21.63 -15.37
N GLU B 58 -18.46 -22.31 -16.50
CA GLU B 58 -19.33 -23.49 -16.56
C GLU B 58 -18.50 -24.70 -16.94
N PRO B 59 -18.07 -25.52 -15.98
CA PRO B 59 -17.12 -26.59 -16.30
C PRO B 59 -17.70 -27.66 -17.21
N GLN B 60 -17.00 -27.95 -18.30
CA GLN B 60 -17.41 -29.04 -19.20
C GLN B 60 -16.82 -30.35 -18.69
N SER B 61 -16.88 -31.38 -19.52
CA SER B 61 -16.44 -32.73 -19.14
C SER B 61 -14.92 -32.81 -19.23
N GLY B 62 -14.26 -32.70 -18.07
CA GLY B 62 -12.82 -32.81 -18.01
C GLY B 62 -12.17 -31.62 -17.33
N SER B 63 -11.09 -31.12 -17.94
CA SER B 63 -10.48 -29.87 -17.46
C SER B 63 -10.91 -28.69 -18.31
N VAL B 64 -11.91 -28.87 -19.17
CA VAL B 64 -12.40 -27.81 -20.03
C VAL B 64 -13.50 -27.07 -19.28
N ILE B 65 -13.36 -25.76 -19.16
CA ILE B 65 -14.39 -24.91 -18.55
C ILE B 65 -14.67 -23.75 -19.49
N LYS B 66 -15.94 -23.35 -19.54
CA LYS B 66 -16.40 -22.31 -20.45
C LYS B 66 -16.54 -21.00 -19.68
N LEU B 67 -15.78 -19.99 -20.10
CA LEU B 67 -15.74 -18.70 -19.42
C LEU B 67 -16.66 -17.69 -20.10
N TRP B 68 -17.26 -16.82 -19.29
CA TRP B 68 -17.84 -15.58 -19.78
C TRP B 68 -17.93 -14.63 -18.59
N ALA B 69 -18.66 -13.52 -18.78
CA ALA B 69 -18.79 -12.53 -17.72
C ALA B 69 -20.22 -12.05 -17.64
N ARG B 70 -20.62 -11.56 -16.48
CA ARG B 70 -21.97 -11.10 -16.23
C ARG B 70 -21.93 -9.85 -15.37
N GLY B 71 -22.40 -8.73 -15.90
CA GLY B 71 -22.36 -7.48 -15.16
C GLY B 71 -23.42 -6.49 -15.60
N GLY B 72 -23.26 -5.23 -15.22
CA GLY B 72 -24.16 -4.19 -15.62
C GLY B 72 -23.79 -3.63 -16.97
N PRO B 73 -24.30 -2.45 -17.31
CA PRO B 73 -23.96 -1.83 -18.60
C PRO B 73 -22.51 -1.39 -18.65
N SER B 74 -21.85 -1.40 -17.50
CA SER B 74 -20.44 -1.05 -17.41
C SER B 74 -19.54 -2.22 -17.76
N CYS B 75 -20.11 -3.39 -18.04
CA CYS B 75 -19.35 -4.56 -18.47
C CYS B 75 -19.48 -4.64 -19.99
N ASP B 76 -18.73 -3.79 -20.69
CA ASP B 76 -18.69 -3.80 -22.14
C ASP B 76 -17.78 -4.92 -22.62
N LYS B 77 -17.72 -5.08 -23.94
CA LYS B 77 -16.98 -6.19 -24.53
C LYS B 77 -15.50 -6.15 -24.12
N ARG B 78 -14.95 -4.96 -23.95
CA ARG B 78 -13.59 -4.86 -23.43
C ARG B 78 -13.46 -5.42 -22.02
N GLY B 79 -14.41 -5.13 -21.14
CA GLY B 79 -14.38 -5.67 -19.79
C GLY B 79 -14.50 -7.18 -19.77
N GLU B 80 -15.41 -7.71 -20.58
CA GLU B 80 -15.55 -9.16 -20.68
C GLU B 80 -14.27 -9.79 -21.20
N TYR B 81 -13.66 -9.20 -22.23
CA TYR B 81 -12.42 -9.75 -22.75
C TYR B 81 -11.31 -9.73 -21.71
N LYS B 82 -11.17 -8.63 -20.98
CA LYS B 82 -10.12 -8.57 -19.96
C LYS B 82 -10.36 -9.58 -18.85
N THR B 83 -11.60 -9.72 -18.38
CA THR B 83 -11.82 -10.66 -17.29
C THR B 83 -11.68 -12.10 -17.76
N ILE B 84 -12.08 -12.40 -18.99
CA ILE B 84 -11.84 -13.73 -19.54
C ILE B 84 -10.35 -14.02 -19.65
N VAL B 85 -9.58 -13.07 -20.15
CA VAL B 85 -8.15 -13.28 -20.30
C VAL B 85 -7.48 -13.46 -18.95
N LYS B 86 -7.88 -12.64 -17.98
CA LYS B 86 -7.34 -12.73 -16.63
C LYS B 86 -7.60 -14.10 -16.04
N ARG B 87 -8.85 -14.56 -16.15
CA ARG B 87 -9.22 -15.87 -15.62
C ARG B 87 -8.46 -16.99 -16.32
N ILE B 88 -8.34 -16.92 -17.64
CA ILE B 88 -7.65 -17.96 -18.39
C ILE B 88 -6.19 -18.05 -18.01
N THR B 89 -5.52 -16.90 -17.87
CA THR B 89 -4.09 -16.87 -17.58
C THR B 89 -3.78 -16.94 -16.09
N ARG B 90 -4.79 -16.91 -15.23
CA ARG B 90 -4.56 -16.94 -13.80
C ARG B 90 -5.08 -18.20 -13.13
N ASP B 91 -6.02 -18.92 -13.74
CA ASP B 91 -6.51 -20.17 -13.18
C ASP B 91 -5.81 -21.40 -13.76
N TYR B 92 -5.04 -21.25 -14.83
CA TYR B 92 -4.34 -22.36 -15.46
C TYR B 92 -2.85 -22.05 -15.48
N GLU B 93 -2.05 -23.02 -15.03
CA GLU B 93 -0.61 -22.86 -15.01
C GLU B 93 0.00 -23.61 -16.19
N PRO B 94 0.54 -22.92 -17.18
CA PRO B 94 1.11 -23.62 -18.34
C PRO B 94 2.51 -24.13 -18.09
N ASN B 95 3.11 -24.00 -16.95
CA ASN B 95 4.37 -24.62 -16.80
C ASN B 95 4.15 -25.98 -16.23
N ASP B 96 2.94 -26.46 -16.02
CA ASP B 96 2.62 -27.82 -15.60
C ASP B 96 2.41 -28.35 -16.95
N GLU B 97 1.24 -28.19 -17.48
CA GLU B 97 1.07 -28.49 -18.81
C GLU B 97 0.34 -27.48 -19.52
N HIS B 98 0.45 -27.51 -20.78
CA HIS B 98 -0.02 -26.50 -21.58
C HIS B 98 -1.40 -26.32 -21.93
N LEU B 99 -1.99 -25.16 -21.76
CA LEU B 99 -3.41 -25.00 -22.05
C LEU B 99 -3.60 -24.56 -23.50
N SER B 100 -4.84 -24.66 -23.98
CA SER B 100 -5.19 -24.27 -25.35
C SER B 100 -6.64 -23.81 -25.33
N PHE B 101 -6.86 -22.53 -25.62
CA PHE B 101 -8.16 -21.89 -25.45
C PHE B 101 -8.55 -21.17 -26.73
N CYS B 102 -9.84 -20.92 -26.90
CA CYS B 102 -10.34 -20.06 -27.97
C CYS B 102 -11.31 -19.05 -27.36
N ILE B 103 -11.27 -17.83 -27.87
CA ILE B 103 -12.23 -16.81 -27.42
C ILE B 103 -13.20 -16.52 -28.56
N ILE B 104 -14.48 -16.70 -28.28
CA ILE B 104 -15.53 -16.65 -29.30
C ILE B 104 -16.32 -15.39 -29.06
N GLU B 105 -16.41 -14.53 -30.08
CA GLU B 105 -17.18 -13.31 -29.96
C GLU B 105 -18.63 -13.55 -30.35
N ASN B 106 -19.54 -12.86 -29.67
CA ASN B 106 -20.94 -12.80 -30.09
C ASN B 106 -21.13 -11.51 -30.86
N ASP B 107 -21.39 -11.64 -32.17
CA ASP B 107 -21.49 -10.46 -33.04
C ASP B 107 -22.81 -9.71 -33.09
N ASN B 108 -23.90 -10.40 -32.79
CA ASN B 108 -25.21 -9.77 -32.85
C ASN B 108 -25.44 -8.99 -31.56
N VAL B 109 -24.44 -8.17 -31.21
CA VAL B 109 -24.39 -7.50 -29.91
C VAL B 109 -23.62 -6.18 -30.03
N PRO B 110 -24.17 -5.07 -29.58
CA PRO B 110 -23.40 -3.82 -29.52
C PRO B 110 -22.38 -3.87 -28.39
N PRO B 111 -21.33 -3.04 -28.45
CA PRO B 111 -20.27 -3.12 -27.43
C PRO B 111 -20.76 -2.88 -26.01
N VAL B 112 -21.85 -2.14 -25.84
CA VAL B 112 -22.46 -1.97 -24.53
C VAL B 112 -23.88 -2.53 -24.59
N HIS B 113 -24.11 -3.66 -23.92
CA HIS B 113 -25.31 -4.44 -24.17
C HIS B 113 -25.98 -5.03 -22.94
N TYR B 114 -25.35 -5.02 -21.79
CA TYR B 114 -26.01 -5.66 -20.66
C TYR B 114 -27.08 -4.75 -20.08
N PRO B 115 -28.33 -5.23 -19.97
CA PRO B 115 -29.33 -4.49 -19.22
C PRO B 115 -28.94 -4.41 -17.76
N ILE B 116 -29.10 -3.26 -17.19
CA ILE B 116 -28.69 -3.02 -15.83
C ILE B 116 -29.42 -3.79 -14.86
N HIS B 117 -30.48 -4.45 -15.28
CA HIS B 117 -31.31 -5.12 -14.37
C HIS B 117 -30.99 -6.51 -13.97
N GLU B 118 -31.64 -7.61 -14.34
CA GLU B 118 -31.21 -8.90 -13.89
C GLU B 118 -31.47 -10.04 -14.79
N ASP B 119 -31.79 -9.79 -16.03
CA ASP B 119 -31.96 -10.87 -16.95
C ASP B 119 -30.98 -10.72 -18.09
N LYS B 120 -29.89 -10.05 -17.80
CA LYS B 120 -28.78 -9.79 -18.72
C LYS B 120 -28.87 -10.18 -20.21
N GLY B 121 -29.04 -11.46 -20.55
CA GLY B 121 -29.00 -11.82 -21.95
C GLY B 121 -27.75 -12.53 -22.40
N GLU B 122 -27.44 -12.51 -23.66
CA GLU B 122 -26.32 -13.23 -24.14
C GLU B 122 -25.06 -12.59 -23.81
N PRO B 123 -23.94 -13.30 -23.75
CA PRO B 123 -22.71 -12.57 -23.39
C PRO B 123 -21.93 -12.18 -24.63
N GLY B 124 -21.16 -11.11 -24.49
CA GLY B 124 -20.34 -10.62 -25.58
C GLY B 124 -19.25 -11.57 -25.99
N TYR B 125 -18.51 -12.12 -25.03
CA TYR B 125 -17.39 -12.99 -25.28
C TYR B 125 -17.54 -14.28 -24.50
N VAL B 126 -17.39 -15.42 -25.17
CA VAL B 126 -17.47 -16.73 -24.56
C VAL B 126 -16.18 -17.47 -24.89
N ALA B 127 -15.50 -17.97 -23.87
CA ALA B 127 -14.23 -18.64 -24.07
C ALA B 127 -14.28 -20.08 -23.57
N TYR B 128 -13.68 -20.99 -24.34
CA TYR B 128 -13.52 -22.39 -23.95
C TYR B 128 -12.04 -22.62 -23.70
N VAL B 129 -11.65 -22.68 -22.43
CA VAL B 129 -10.25 -22.90 -22.11
C VAL B 129 -10.07 -24.39 -21.86
N GLY B 130 -8.84 -24.87 -21.84
CA GLY B 130 -8.62 -26.29 -21.77
C GLY B 130 -7.22 -26.69 -21.36
N TYR B 131 -6.70 -27.78 -21.90
CA TYR B 131 -5.35 -28.16 -21.50
C TYR B 131 -4.80 -28.98 -22.63
N ASP B 132 -3.93 -29.94 -22.35
CA ASP B 132 -3.56 -30.63 -23.43
C ASP B 132 -3.74 -32.05 -23.42
N THR B 133 -4.28 -32.52 -22.35
CA THR B 133 -4.54 -33.88 -22.28
C THR B 133 -5.86 -34.10 -22.91
N ASP B 134 -6.75 -33.10 -22.98
CA ASP B 134 -8.05 -33.16 -23.60
C ASP B 134 -8.19 -32.04 -24.55
N SER B 135 -7.20 -31.82 -25.29
CA SER B 135 -7.12 -30.78 -26.30
C SER B 135 -8.12 -31.03 -27.42
N GLU B 136 -8.40 -32.29 -27.68
CA GLU B 136 -9.35 -32.67 -28.71
C GLU B 136 -10.73 -32.09 -28.40
N LEU B 137 -11.12 -32.15 -27.13
CA LEU B 137 -12.42 -31.63 -26.72
C LEU B 137 -12.50 -30.13 -26.96
N VAL B 138 -11.45 -29.39 -26.63
CA VAL B 138 -11.46 -27.94 -26.86
C VAL B 138 -11.52 -27.65 -28.35
N GLN B 139 -10.75 -28.40 -29.12
CA GLN B 139 -10.73 -28.23 -30.57
C GLN B 139 -12.12 -28.46 -31.16
N GLU B 140 -12.84 -29.44 -30.61
CA GLU B 140 -14.17 -29.76 -31.09
C GLU B 140 -15.22 -28.75 -30.64
N LEU B 141 -15.11 -28.22 -29.42
CA LEU B 141 -16.02 -27.18 -28.97
C LEU B 141 -15.77 -25.85 -29.67
N CYS B 142 -14.52 -25.54 -30.01
CA CYS B 142 -14.20 -24.36 -30.80
C CYS B 142 -14.39 -24.69 -32.28
N ALA B 143 -15.63 -24.54 -32.74
CA ALA B 143 -16.06 -24.99 -34.05
C ALA B 143 -15.12 -24.56 -35.15
N ASP B 144 -14.91 -23.26 -35.31
CA ASP B 144 -14.00 -22.76 -36.32
C ASP B 144 -13.12 -21.61 -35.86
N SER B 145 -13.26 -21.14 -34.62
CA SER B 145 -12.43 -20.06 -34.14
C SER B 145 -10.99 -20.52 -33.95
N THR B 146 -10.05 -19.59 -34.06
CA THR B 146 -8.65 -19.90 -33.87
C THR B 146 -8.40 -20.34 -32.43
N ILE B 147 -7.50 -21.31 -32.27
CA ILE B 147 -7.15 -21.85 -30.97
C ILE B 147 -5.77 -21.34 -30.59
N TYR B 148 -5.67 -20.74 -29.41
CA TYR B 148 -4.44 -20.12 -28.94
C TYR B 148 -3.76 -21.03 -27.93
N HIS B 149 -2.48 -21.31 -28.15
CA HIS B 149 -1.70 -22.14 -27.25
C HIS B 149 -0.79 -21.25 -26.40
N MET B 150 -0.72 -21.56 -25.10
CA MET B 150 0.26 -20.95 -24.24
C MET B 150 1.17 -22.01 -23.63
N ILE C 71 -11.75 -19.60 47.26
CA ILE C 71 -10.70 -20.33 46.56
C ILE C 71 -9.94 -19.41 45.59
N TRP C 72 -10.64 -18.43 45.02
CA TRP C 72 -10.09 -17.48 44.04
C TRP C 72 -8.77 -16.68 44.16
N PHE C 73 -8.52 -15.96 45.25
CA PHE C 73 -7.24 -15.24 45.27
C PHE C 73 -6.06 -16.04 45.72
N SER C 74 -6.42 -17.17 46.31
CA SER C 74 -5.52 -18.22 46.65
C SER C 74 -5.14 -18.62 45.24
N PHE C 75 -6.09 -18.92 44.35
CA PHE C 75 -5.72 -19.16 42.97
C PHE C 75 -4.86 -18.14 42.31
N ARG C 76 -5.11 -16.82 42.32
CA ARG C 76 -4.05 -15.98 41.68
C ARG C 76 -2.69 -16.05 42.36
N GLU C 77 -2.63 -16.15 43.67
CA GLU C 77 -1.31 -16.28 44.29
C GLU C 77 -0.66 -17.56 43.85
N ILE C 78 -1.42 -18.66 43.79
CA ILE C 78 -0.93 -19.95 43.40
C ILE C 78 -0.37 -19.82 42.07
N SER C 79 -1.17 -19.30 41.13
CA SER C 79 -0.73 -19.14 39.75
C SER C 79 0.29 -18.02 39.49
N TYR C 80 0.60 -17.21 40.51
CA TYR C 80 1.51 -16.15 40.38
C TYR C 80 2.80 -16.87 40.56
N ARG C 81 2.88 -17.69 41.63
CA ARG C 81 4.08 -18.46 41.96
C ARG C 81 4.60 -19.15 40.72
N HIS C 82 3.77 -20.11 40.30
CA HIS C 82 4.00 -20.96 39.16
C HIS C 82 3.55 -20.26 37.93
N ALA C 83 4.13 -20.46 36.78
CA ALA C 83 3.76 -19.63 35.65
C ALA C 83 3.65 -20.43 34.51
N TRP C 84 3.49 -21.65 34.79
CA TRP C 84 3.28 -22.60 33.70
C TRP C 84 1.83 -23.04 33.61
N ILE C 85 1.05 -22.79 34.65
CA ILE C 85 -0.28 -23.36 34.79
C ILE C 85 -1.23 -22.84 33.72
N ALA C 86 -1.18 -21.54 33.42
CA ALA C 86 -2.06 -21.01 32.39
C ALA C 86 -1.76 -21.57 31.00
N PRO C 87 -0.51 -21.56 30.51
CA PRO C 87 -0.25 -22.23 29.23
C PRO C 87 -0.58 -23.71 29.27
N LEU C 88 -0.34 -24.38 30.39
CA LEU C 88 -0.69 -25.80 30.50
C LEU C 88 -2.19 -25.99 30.33
N MET C 89 -2.99 -25.14 30.97
CA MET C 89 -4.43 -25.23 30.84
C MET C 89 -4.86 -25.02 29.40
N ILE C 90 -4.31 -23.99 28.75
CA ILE C 90 -4.68 -23.69 27.37
C ILE C 90 -4.39 -24.89 26.47
N LEU C 91 -3.16 -25.42 26.54
CA LEU C 91 -2.78 -26.46 25.61
C LEU C 91 -3.45 -27.79 25.95
N ILE C 92 -3.70 -28.07 27.23
CA ILE C 92 -4.40 -29.31 27.56
C ILE C 92 -5.84 -29.24 27.09
N ALA C 93 -6.47 -28.07 27.20
CA ALA C 93 -7.83 -27.91 26.68
C ALA C 93 -7.86 -28.13 25.18
N VAL C 94 -6.93 -27.50 24.45
CA VAL C 94 -6.91 -27.67 23.01
C VAL C 94 -6.64 -29.11 22.60
N TYR C 95 -5.65 -29.73 23.23
CA TYR C 95 -5.30 -31.11 22.92
C TYR C 95 -6.47 -32.07 23.19
N SER C 96 -7.11 -31.89 24.33
CA SER C 96 -8.24 -32.72 24.74
C SER C 96 -9.40 -32.55 23.77
N ALA C 97 -9.72 -31.32 23.41
CA ALA C 97 -10.81 -31.04 22.50
C ALA C 97 -10.53 -31.61 21.12
N TYR C 98 -9.25 -31.61 20.71
CA TYR C 98 -8.90 -32.20 19.42
C TYR C 98 -8.97 -33.72 19.43
N PHE C 99 -8.49 -34.34 20.51
CA PHE C 99 -8.44 -35.81 20.59
C PHE C 99 -9.75 -36.50 20.97
N THR C 100 -10.68 -35.76 21.55
CA THR C 100 -11.96 -36.34 21.96
C THR C 100 -13.06 -36.09 20.94
N SER C 101 -12.82 -35.26 19.94
CA SER C 101 -13.81 -35.00 18.92
C SER C 101 -13.96 -36.22 18.01
N GLY C 102 -13.11 -37.20 18.16
CA GLY C 102 -13.21 -38.42 17.38
C GLY C 102 -12.42 -38.34 16.09
N ASN C 103 -12.86 -37.51 15.15
CA ASN C 103 -12.13 -37.43 13.92
C ASN C 103 -10.94 -36.56 14.19
N THR C 104 -9.82 -36.97 13.61
CA THR C 104 -8.58 -36.21 13.74
C THR C 104 -8.01 -35.93 12.35
N THR C 105 -8.89 -35.81 11.37
CA THR C 105 -8.51 -35.65 9.98
C THR C 105 -8.23 -34.18 9.68
N LYS C 106 -7.97 -33.79 8.49
CA LYS C 106 -7.69 -32.41 8.33
C LYS C 106 -8.85 -31.47 8.37
N THR C 107 -10.07 -31.96 8.36
CA THR C 107 -11.26 -31.13 8.27
C THR C 107 -11.56 -30.38 9.56
N ASN C 108 -10.86 -30.54 10.69
CA ASN C 108 -11.21 -29.77 11.91
C ASN C 108 -10.89 -28.28 11.82
N VAL C 109 -10.27 -27.81 12.89
CA VAL C 109 -9.85 -26.45 13.11
C VAL C 109 -8.75 -26.57 14.15
N LEU C 110 -8.92 -27.51 15.08
CA LEU C 110 -7.97 -27.73 16.05
C LEU C 110 -6.95 -28.34 15.16
N HIS C 111 -7.14 -29.19 14.16
CA HIS C 111 -6.06 -29.66 13.36
C HIS C 111 -5.32 -28.71 12.69
N ARG C 112 -5.74 -27.55 12.34
CA ARG C 112 -4.93 -26.54 11.72
C ARG C 112 -4.00 -26.08 12.62
N PHE C 113 -4.35 -25.94 13.92
CA PHE C 113 -3.39 -25.61 15.06
C PHE C 113 -2.59 -26.65 15.72
N VAL C 114 -2.98 -27.88 15.80
CA VAL C 114 -2.17 -28.88 16.43
C VAL C 114 -1.58 -29.91 15.54
N ALA C 115 -1.13 -29.53 14.40
CA ALA C 115 -0.42 -30.43 13.49
C ALA C 115 0.02 -29.65 12.27
N VAL C 116 0.97 -30.21 11.54
CA VAL C 116 1.44 -29.63 10.29
C VAL C 116 0.40 -29.91 9.21
N SER C 117 0.03 -28.84 8.58
CA SER C 117 -0.93 -28.92 7.61
C SER C 117 -0.34 -29.22 6.30
N TYR C 118 -1.05 -28.94 5.25
CA TYR C 118 -0.64 -29.11 3.90
C TYR C 118 -0.16 -30.30 3.29
N GLN C 119 -0.36 -31.49 3.75
CA GLN C 119 0.16 -32.68 3.15
C GLN C 119 -0.24 -32.86 1.85
N ILE C 120 0.62 -32.89 0.89
CA ILE C 120 0.29 -33.04 -0.52
C ILE C 120 -0.25 -34.41 -0.86
N GLY C 121 -1.51 -34.55 -1.26
CA GLY C 121 -2.08 -35.83 -1.61
C GLY C 121 -1.99 -36.83 -0.47
N ASP C 122 -1.37 -37.99 -0.74
CA ASP C 122 -1.11 -38.95 0.32
C ASP C 122 0.35 -39.42 0.21
N THR C 123 1.25 -38.49 -0.13
CA THR C 123 2.67 -38.78 -0.12
C THR C 123 3.32 -38.12 1.09
N ASN C 124 4.59 -37.93 1.18
CA ASN C 124 5.12 -37.24 2.34
C ASN C 124 5.84 -36.00 1.89
N ALA C 125 5.14 -34.94 1.61
CA ALA C 125 5.68 -33.74 1.17
C ALA C 125 4.64 -32.80 1.40
N TYR C 126 4.81 -31.84 2.29
CA TYR C 126 3.90 -30.87 2.76
C TYR C 126 4.10 -29.51 2.25
N GLY C 127 3.17 -28.71 1.82
CA GLY C 127 3.41 -27.38 1.29
C GLY C 127 3.45 -26.24 2.19
N LYS C 128 3.26 -25.00 1.85
CA LYS C 128 3.29 -23.90 2.76
C LYS C 128 2.02 -23.11 2.76
N GLY C 129 1.55 -22.48 3.81
CA GLY C 129 0.42 -21.57 3.91
C GLY C 129 0.32 -20.83 5.22
N ILE C 130 -0.91 -20.52 5.65
CA ILE C 130 -1.16 -19.70 6.83
C ILE C 130 -1.39 -20.60 8.04
N ASN C 131 -1.72 -21.85 7.74
CA ASN C 131 -1.89 -22.85 8.79
C ASN C 131 -0.53 -22.89 9.48
N ASP C 132 0.55 -22.78 8.70
CA ASP C 132 1.88 -22.75 9.28
C ASP C 132 2.01 -21.67 10.34
N LEU C 133 1.45 -20.49 10.09
CA LEU C 133 1.45 -19.45 11.12
C LEU C 133 0.64 -19.86 12.33
N CYS C 134 -0.51 -20.51 12.10
CA CYS C 134 -1.30 -20.99 13.24
C CYS C 134 -0.53 -22.01 14.07
N PHE C 135 0.14 -22.95 13.39
CA PHE C 135 0.96 -23.94 14.09
C PHE C 135 2.09 -23.27 14.87
N VAL C 136 2.75 -22.29 14.26
CA VAL C 136 3.84 -21.58 14.93
C VAL C 136 3.34 -20.87 16.17
N PHE C 137 2.18 -20.20 16.09
CA PHE C 137 1.66 -19.50 17.25
C PHE C 137 1.25 -20.47 18.37
N TYR C 138 0.54 -21.54 18.02
CA TYR C 138 0.18 -22.50 19.04
C TYR C 138 1.42 -23.10 19.70
N TYR C 139 2.53 -23.29 19.01
CA TYR C 139 3.78 -23.80 19.62
C TYR C 139 4.38 -22.71 20.34
N MET C 140 4.36 -21.45 20.01
CA MET C 140 4.75 -20.44 20.98
C MET C 140 4.09 -20.71 22.32
N ILE C 141 2.77 -20.91 22.30
CA ILE C 141 2.06 -21.18 23.54
C ILE C 141 2.60 -22.43 24.22
N PHE C 142 3.01 -23.43 23.48
CA PHE C 142 3.52 -24.67 24.04
C PHE C 142 4.85 -24.58 24.49
N PHE C 143 5.62 -23.67 24.03
CA PHE C 143 7.01 -23.65 24.39
C PHE C 143 7.10 -22.83 25.50
N THR C 144 6.27 -21.86 25.67
CA THR C 144 6.27 -21.10 26.92
C THR C 144 5.96 -22.00 28.12
N PHE C 145 4.90 -22.69 28.13
CA PHE C 145 4.65 -23.59 29.12
C PHE C 145 5.72 -24.34 29.24
N LEU C 146 6.52 -24.77 28.28
CA LEU C 146 7.61 -25.77 28.58
C LEU C 146 8.64 -25.26 29.32
N ARG C 147 8.98 -24.07 29.02
CA ARG C 147 9.98 -23.39 29.59
C ARG C 147 9.75 -23.26 30.94
N GLU C 148 8.66 -22.75 31.36
CA GLU C 148 8.35 -22.51 32.67
C GLU C 148 8.17 -23.70 33.36
N PHE C 149 7.57 -24.72 32.83
CA PHE C 149 7.42 -25.88 33.59
C PHE C 149 8.67 -26.45 33.88
N LEU C 150 9.51 -26.58 32.88
CA LEU C 150 10.76 -27.30 33.03
C LEU C 150 11.55 -26.65 33.92
N MET C 151 11.96 -25.44 33.58
CA MET C 151 12.85 -24.61 34.38
C MET C 151 12.48 -24.54 35.85
N ASP C 152 11.21 -24.28 36.14
CA ASP C 152 10.88 -24.19 37.50
C ASP C 152 10.86 -25.52 38.12
N VAL C 153 10.03 -26.44 37.65
CA VAL C 153 9.89 -27.78 38.23
C VAL C 153 11.10 -28.72 38.34
N VAL C 154 11.93 -28.82 37.30
CA VAL C 154 13.00 -29.74 37.37
C VAL C 154 14.19 -28.99 37.57
N ILE C 155 14.28 -27.80 36.99
CA ILE C 155 15.60 -27.32 36.96
C ILE C 155 15.83 -26.65 38.17
N ARG C 156 14.90 -25.86 38.68
CA ARG C 156 15.12 -25.14 39.93
C ARG C 156 15.40 -26.10 41.09
N PRO C 157 14.69 -27.24 41.11
CA PRO C 157 14.82 -28.26 42.17
C PRO C 157 16.15 -29.01 42.12
N PHE C 158 16.70 -29.22 40.93
CA PHE C 158 17.97 -29.96 40.79
C PHE C 158 19.03 -28.96 41.12
N ALA C 159 18.84 -27.72 40.76
CA ALA C 159 19.76 -26.70 41.08
C ALA C 159 19.83 -26.56 42.50
N ILE C 160 18.72 -26.61 43.24
CA ILE C 160 18.87 -26.50 44.68
C ILE C 160 18.98 -27.79 45.44
N ARG C 161 19.35 -28.80 44.72
CA ARG C 161 19.80 -29.96 45.34
C ARG C 161 21.23 -29.71 45.42
N LEU C 162 21.78 -29.29 44.30
CA LEU C 162 23.22 -29.12 44.01
C LEU C 162 24.16 -28.51 44.90
N HIS C 163 23.71 -27.67 45.80
CA HIS C 163 24.55 -27.00 46.84
C HIS C 163 25.32 -25.73 46.43
N VAL C 164 25.38 -25.53 45.13
CA VAL C 164 25.82 -24.30 44.62
C VAL C 164 24.60 -23.52 45.02
N THR C 165 24.78 -22.51 45.83
CA THR C 165 23.68 -21.74 46.31
C THR C 165 23.95 -20.26 46.37
N SER C 166 23.29 -19.46 45.51
CA SER C 166 23.42 -17.96 45.46
C SER C 166 22.40 -17.23 44.55
N LYS C 167 22.78 -16.35 43.61
CA LYS C 167 21.82 -15.67 42.64
C LYS C 167 22.37 -15.11 41.28
N HIS C 168 23.61 -14.91 41.21
CA HIS C 168 24.02 -14.57 39.86
C HIS C 168 24.24 -15.97 39.41
N ARG C 169 25.05 -16.76 40.10
CA ARG C 169 25.31 -18.11 39.75
C ARG C 169 24.07 -18.86 39.70
N ILE C 170 23.10 -18.90 40.61
CA ILE C 170 21.95 -19.75 40.25
C ILE C 170 20.97 -19.18 39.33
N LYS C 171 20.72 -18.01 39.27
CA LYS C 171 19.71 -17.86 38.22
C LYS C 171 20.30 -18.09 36.91
N ARG C 172 21.60 -17.84 36.69
CA ARG C 172 22.22 -18.06 35.42
C ARG C 172 22.54 -19.46 35.18
N ILE C 173 22.73 -20.31 36.16
CA ILE C 173 22.89 -21.74 35.87
C ILE C 173 21.58 -22.13 35.48
N MET C 174 20.49 -21.73 36.12
CA MET C 174 19.22 -22.16 35.65
C MET C 174 18.94 -21.82 34.26
N GLU C 175 19.26 -20.65 33.78
CA GLU C 175 18.98 -20.44 32.39
C GLU C 175 19.81 -21.23 31.52
N GLN C 176 21.02 -21.68 31.85
CA GLN C 176 21.81 -22.56 31.02
C GLN C 176 21.31 -23.83 30.95
N MET C 177 20.84 -24.30 32.10
CA MET C 177 20.25 -25.61 32.24
C MET C 177 19.06 -25.82 31.30
N TYR C 178 18.37 -24.77 30.84
CA TYR C 178 17.35 -25.14 30.02
C TYR C 178 17.89 -25.13 28.68
N ALA C 179 19.01 -24.49 28.34
CA ALA C 179 19.57 -24.47 27.02
C ALA C 179 20.19 -25.68 26.63
N ILE C 180 20.75 -26.40 27.53
CA ILE C 180 21.25 -27.66 27.20
C ILE C 180 20.12 -28.60 27.03
N PHE C 181 18.95 -28.46 27.55
CA PHE C 181 17.89 -29.39 27.35
C PHE C 181 17.44 -29.23 26.09
N TYR C 182 17.14 -28.01 25.71
CA TYR C 182 16.59 -27.98 24.39
C TYR C 182 17.47 -28.17 23.32
N THR C 183 18.75 -27.90 23.50
CA THR C 183 19.74 -28.05 22.44
C THR C 183 20.03 -29.52 22.19
N GLY C 184 19.90 -30.34 23.23
CA GLY C 184 20.16 -31.74 23.06
C GLY C 184 19.02 -32.09 22.23
N VAL C 185 17.78 -31.75 22.53
CA VAL C 185 16.72 -32.15 21.63
C VAL C 185 16.77 -31.64 20.22
N SER C 186 17.10 -30.38 20.02
CA SER C 186 17.16 -29.84 18.70
C SER C 186 18.36 -30.21 17.97
N GLY C 187 19.50 -30.37 18.62
CA GLY C 187 20.74 -30.73 17.98
C GLY C 187 20.46 -31.98 17.32
N PRO C 188 19.99 -33.01 18.03
CA PRO C 188 19.80 -34.21 17.31
C PRO C 188 18.70 -34.33 16.48
N PHE C 189 17.73 -33.48 16.54
CA PHE C 189 16.69 -33.63 15.64
C PHE C 189 17.20 -33.17 14.42
N GLY C 190 17.81 -32.04 14.37
CA GLY C 190 18.33 -31.57 13.12
C GLY C 190 19.29 -32.45 12.42
N ILE C 191 20.21 -33.14 13.11
CA ILE C 191 21.15 -33.96 12.40
C ILE C 191 20.48 -35.11 11.90
N TYR C 192 19.55 -35.64 12.63
CA TYR C 192 18.79 -36.74 12.15
C TYR C 192 18.07 -36.37 10.97
N CYS C 193 17.44 -35.22 10.89
CA CYS C 193 16.78 -34.78 9.69
C CYS C 193 17.60 -34.60 8.57
N MET C 194 18.87 -34.31 8.64
CA MET C 194 19.63 -34.20 7.44
C MET C 194 20.24 -35.48 7.10
N TYR C 195 20.18 -36.47 7.94
CA TYR C 195 20.67 -37.77 7.55
C TYR C 195 19.75 -38.45 6.54
N HIS C 196 18.46 -38.40 6.80
CA HIS C 196 17.52 -39.03 5.90
C HIS C 196 17.35 -38.17 4.67
N SER C 197 18.44 -37.60 4.16
CA SER C 197 18.22 -36.77 2.97
C SER C 197 19.30 -36.83 2.03
N ASP C 198 19.40 -35.85 1.19
CA ASP C 198 20.44 -35.81 0.16
C ASP C 198 21.52 -34.92 0.46
N LEU C 199 21.48 -34.27 1.60
CA LEU C 199 22.41 -33.30 2.09
C LEU C 199 23.26 -33.92 3.17
N TRP C 200 23.85 -35.08 2.97
CA TRP C 200 24.50 -35.59 4.12
C TRP C 200 25.85 -35.03 4.36
N PHE C 201 26.12 -34.63 5.62
CA PHE C 201 27.31 -33.89 6.02
C PHE C 201 27.52 -32.61 5.21
N PHE C 202 26.50 -31.76 5.27
CA PHE C 202 26.48 -30.48 4.57
C PHE C 202 26.98 -30.61 3.14
N ASN C 203 26.20 -31.24 2.26
CA ASN C 203 26.67 -31.36 0.90
C ASN C 203 26.07 -30.31 0.16
N THR C 204 26.76 -29.33 -0.24
CA THR C 204 26.31 -28.13 -0.88
C THR C 204 25.77 -28.42 -2.27
N LYS C 205 26.40 -29.26 -2.92
CA LYS C 205 25.80 -29.56 -4.24
C LYS C 205 24.25 -29.64 -4.18
N ALA C 206 23.75 -30.30 -3.13
CA ALA C 206 22.36 -30.55 -2.83
C ALA C 206 21.50 -29.57 -2.36
N MET C 207 21.91 -28.54 -1.71
CA MET C 207 21.06 -27.51 -1.29
C MET C 207 20.39 -26.80 -2.44
N TYR C 208 21.02 -26.65 -3.57
CA TYR C 208 20.47 -26.05 -4.69
C TYR C 208 20.19 -26.94 -5.75
N ARG C 209 20.66 -28.15 -5.84
CA ARG C 209 20.35 -28.91 -7.09
C ARG C 209 18.94 -28.99 -7.55
N THR C 210 18.08 -28.79 -6.66
CA THR C 210 16.67 -28.55 -6.93
C THR C 210 16.17 -27.39 -6.06
N TYR C 211 16.20 -26.18 -6.62
CA TYR C 211 15.94 -25.00 -5.79
C TYR C 211 14.46 -24.74 -5.53
N PRO C 212 13.60 -24.74 -6.52
CA PRO C 212 12.44 -24.24 -5.77
C PRO C 212 11.88 -24.91 -4.56
N ASP C 213 11.82 -26.21 -4.36
CA ASP C 213 11.29 -26.73 -3.10
C ASP C 213 9.98 -26.16 -2.56
N PHE C 214 8.88 -26.36 -3.23
CA PHE C 214 7.67 -25.79 -2.70
C PHE C 214 7.13 -26.68 -1.68
N THR C 215 7.80 -27.73 -1.29
CA THR C 215 7.21 -28.55 -0.36
C THR C 215 8.24 -29.35 0.22
N ASN C 216 8.50 -29.26 1.47
CA ASN C 216 9.48 -30.13 2.12
C ASN C 216 8.87 -31.29 2.80
N PRO C 217 9.52 -32.14 3.56
CA PRO C 217 8.90 -33.27 4.19
C PRO C 217 8.30 -33.08 5.44
N PHE C 218 7.99 -34.15 6.07
CA PHE C 218 7.21 -34.05 7.19
C PHE C 218 8.10 -33.59 8.10
N LEU C 219 9.06 -34.39 8.54
CA LEU C 219 9.92 -34.09 9.62
C LEU C 219 10.54 -32.89 9.44
N PHE C 220 11.17 -32.60 8.36
CA PHE C 220 11.80 -31.39 8.03
C PHE C 220 10.95 -30.25 8.10
N LYS C 221 9.69 -30.25 7.81
CA LYS C 221 8.82 -29.12 7.94
C LYS C 221 8.55 -28.90 9.29
N VAL C 222 8.48 -29.97 10.09
CA VAL C 222 8.24 -29.84 11.52
C VAL C 222 9.43 -29.24 12.26
N PHE C 223 10.65 -29.57 11.83
CA PHE C 223 11.83 -29.06 12.47
C PHE C 223 11.83 -27.70 12.12
N TYR C 224 11.60 -27.31 10.91
CA TYR C 224 11.59 -25.92 10.59
C TYR C 224 10.66 -25.11 11.30
N LEU C 225 9.47 -25.55 11.59
CA LEU C 225 8.50 -24.68 12.27
C LEU C 225 8.48 -24.90 13.69
N GLY C 226 9.11 -25.90 14.18
CA GLY C 226 9.23 -26.16 15.55
C GLY C 226 10.24 -25.15 15.85
N GLN C 227 11.33 -24.91 15.17
CA GLN C 227 12.22 -23.87 15.52
C GLN C 227 11.81 -22.58 15.25
N ALA C 228 10.85 -22.24 14.44
CA ALA C 228 10.44 -20.87 14.34
C ALA C 228 9.64 -20.68 15.48
N ALA C 229 8.94 -21.71 15.95
CA ALA C 229 8.10 -21.61 17.13
C ALA C 229 8.96 -21.37 18.35
N PHE C 230 10.13 -22.00 18.39
CA PHE C 230 11.00 -21.81 19.53
C PHE C 230 11.67 -20.62 19.44
N TRP C 231 12.25 -20.06 18.43
CA TRP C 231 12.95 -18.81 18.55
C TRP C 231 12.14 -17.71 18.61
N ALA C 232 10.98 -17.66 18.07
CA ALA C 232 10.09 -16.58 18.04
C ALA C 232 9.74 -16.32 19.29
N GLN C 233 9.27 -17.22 20.03
CA GLN C 233 8.98 -17.00 21.39
C GLN C 233 10.07 -16.51 22.26
N GLN C 234 11.32 -16.80 22.05
CA GLN C 234 12.38 -16.27 22.82
C GLN C 234 12.69 -14.93 22.45
N ALA C 235 12.46 -14.56 21.23
CA ALA C 235 12.66 -13.22 20.84
C ALA C 235 11.57 -12.49 21.48
N CYS C 236 10.36 -12.99 21.49
CA CYS C 236 9.35 -12.27 22.17
C CYS C 236 9.65 -12.21 23.64
N ILE C 237 10.19 -13.19 24.31
CA ILE C 237 10.47 -13.02 25.74
C ILE C 237 11.51 -12.05 25.98
N LEU C 238 12.51 -11.82 25.14
CA LEU C 238 13.55 -10.81 25.43
C LEU C 238 13.07 -9.44 25.06
N VAL C 239 11.97 -9.31 24.38
CA VAL C 239 11.41 -8.00 24.16
C VAL C 239 10.54 -7.73 25.30
N LEU C 240 9.73 -8.68 25.61
CA LEU C 240 8.85 -8.45 26.70
C LEU C 240 9.55 -7.82 27.78
N GLN C 241 10.86 -7.70 27.74
CA GLN C 241 11.65 -7.10 28.78
C GLN C 241 11.55 -7.78 30.10
N LEU C 242 12.34 -8.81 30.20
CA LEU C 242 12.33 -9.51 31.44
C LEU C 242 12.93 -8.62 32.58
N GLU C 243 14.22 -8.23 32.46
CA GLU C 243 14.98 -7.40 33.41
C GLU C 243 16.40 -7.00 33.03
N LYS C 244 17.32 -7.92 33.30
CA LYS C 244 18.75 -7.74 33.17
C LYS C 244 19.51 -8.36 32.05
N PRO C 245 20.02 -7.53 31.18
CA PRO C 245 20.80 -8.12 30.11
C PRO C 245 22.18 -8.20 30.61
N ARG C 246 22.82 -7.05 30.48
CA ARG C 246 24.19 -6.63 30.78
C ARG C 246 25.00 -6.99 29.61
N LYS C 247 26.23 -7.34 29.91
CA LYS C 247 27.21 -7.73 28.95
C LYS C 247 26.53 -8.86 28.26
N ASP C 248 26.26 -8.45 27.00
CA ASP C 248 25.71 -9.09 25.81
C ASP C 248 24.56 -8.53 25.01
N HIS C 249 23.40 -8.50 25.65
CA HIS C 249 22.18 -8.24 25.03
C HIS C 249 22.33 -7.52 23.76
N ASN C 250 23.48 -6.97 23.51
CA ASN C 250 23.57 -6.29 22.23
C ASN C 250 23.91 -7.14 21.08
N GLU C 251 24.93 -7.97 21.28
CA GLU C 251 25.34 -8.93 20.28
C GLU C 251 24.31 -10.08 20.29
N LEU C 252 23.69 -10.32 21.45
CA LEU C 252 22.71 -11.37 21.54
C LEU C 252 21.53 -10.85 20.86
N THR C 253 21.17 -9.57 20.82
CA THR C 253 19.97 -9.21 20.04
C THR C 253 20.23 -9.24 18.62
N PHE C 254 21.46 -9.09 18.19
CA PHE C 254 21.72 -9.22 16.80
C PHE C 254 21.45 -10.65 16.53
N HIS C 255 21.92 -11.53 17.41
CA HIS C 255 21.70 -12.95 17.27
C HIS C 255 20.23 -13.28 17.08
N HIS C 256 19.36 -12.81 17.99
CA HIS C 256 17.94 -13.11 17.82
C HIS C 256 17.26 -12.62 16.67
N ILE C 257 17.51 -11.43 16.24
CA ILE C 257 16.83 -10.97 15.10
C ILE C 257 17.34 -11.67 13.95
N VAL C 258 18.58 -12.00 13.81
CA VAL C 258 18.95 -12.66 12.60
C VAL C 258 18.62 -14.10 12.49
N THR C 259 18.42 -14.76 13.58
CA THR C 259 18.01 -16.07 13.61
C THR C 259 16.64 -16.02 13.11
N LEU C 260 15.76 -15.15 13.53
CA LEU C 260 14.45 -15.10 13.05
C LEU C 260 14.30 -14.68 11.66
N LEU C 261 15.11 -13.87 11.05
CA LEU C 261 14.90 -13.54 9.70
C LEU C 261 15.40 -14.62 8.95
N LEU C 262 16.40 -15.39 9.32
CA LEU C 262 16.78 -16.45 8.47
C LEU C 262 15.80 -17.48 8.53
N ILE C 263 15.12 -17.77 9.60
CA ILE C 263 14.16 -18.82 9.60
C ILE C 263 13.05 -18.40 8.77
N TRP C 264 12.57 -17.21 8.85
CA TRP C 264 11.44 -16.86 8.10
C TRP C 264 11.76 -16.74 6.77
N SER C 265 12.88 -16.22 6.39
CA SER C 265 13.18 -16.00 5.01
C SER C 265 13.36 -17.15 4.33
N SER C 266 14.27 -18.00 4.82
CA SER C 266 14.59 -19.26 4.21
C SER C 266 13.38 -20.18 4.11
N TYR C 267 12.54 -20.21 5.15
CA TYR C 267 11.39 -21.09 5.05
C TYR C 267 10.47 -20.64 3.91
N VAL C 268 10.14 -19.35 3.91
CA VAL C 268 9.29 -18.78 2.89
C VAL C 268 9.79 -18.52 1.55
N PHE C 269 11.05 -18.60 1.15
CA PHE C 269 11.45 -18.27 -0.18
C PHE C 269 11.95 -19.52 -0.70
N HIS C 270 11.76 -20.53 -0.02
CA HIS C 270 12.08 -21.90 -0.44
C HIS C 270 13.54 -22.26 -0.34
N PHE C 271 14.35 -21.65 0.44
CA PHE C 271 15.69 -22.08 0.55
C PHE C 271 15.62 -22.75 1.86
N THR C 272 14.92 -23.74 2.13
CA THR C 272 14.86 -24.55 3.34
C THR C 272 16.05 -25.49 3.50
N LYS C 273 16.50 -26.11 2.41
CA LYS C 273 17.69 -26.94 2.47
C LYS C 273 18.96 -26.15 2.66
N MET C 274 18.90 -24.82 2.48
CA MET C 274 19.98 -23.96 2.97
C MET C 274 19.89 -23.79 4.47
N GLY C 275 18.67 -23.65 4.99
CA GLY C 275 18.52 -23.38 6.40
C GLY C 275 18.81 -24.58 7.28
N LEU C 276 18.65 -25.79 6.74
CA LEU C 276 18.87 -26.97 7.56
C LEU C 276 20.32 -27.11 8.02
N PRO C 277 21.35 -26.97 7.16
CA PRO C 277 22.73 -27.11 7.67
C PRO C 277 23.08 -26.12 8.76
N ILE C 278 22.63 -24.87 8.66
CA ILE C 278 23.02 -23.86 9.64
C ILE C 278 22.45 -24.17 11.01
N TYR C 279 21.23 -24.70 11.08
CA TYR C 279 20.70 -25.20 12.35
C TYR C 279 21.62 -26.19 13.00
N ILE C 280 22.18 -27.12 12.21
CA ILE C 280 23.03 -28.16 12.77
C ILE C 280 24.24 -27.53 13.44
N THR C 281 24.89 -26.59 12.74
CA THR C 281 26.04 -25.92 13.31
C THR C 281 25.67 -25.19 14.59
N MET C 282 24.61 -24.38 14.55
CA MET C 282 24.27 -23.57 15.72
C MET C 282 23.94 -24.45 16.92
N ASP C 283 23.10 -25.48 16.70
CA ASP C 283 22.70 -26.33 17.80
C ASP C 283 23.87 -27.11 18.36
N VAL C 284 24.66 -27.75 17.50
CA VAL C 284 25.72 -28.62 18.02
C VAL C 284 26.81 -27.80 18.70
N SER C 285 27.02 -26.54 18.28
CA SER C 285 28.01 -25.72 18.97
C SER C 285 27.45 -25.14 20.25
N ASP C 286 26.23 -24.60 20.21
CA ASP C 286 25.62 -23.98 21.37
C ASP C 286 25.34 -24.96 22.50
N PHE C 287 25.08 -26.22 22.15
CA PHE C 287 24.83 -27.25 23.15
C PHE C 287 26.09 -27.39 24.02
N LEU C 288 27.24 -27.57 23.38
CA LEU C 288 28.49 -27.70 24.10
C LEU C 288 28.86 -26.42 24.82
N LEU C 289 28.58 -25.26 24.23
CA LEU C 289 28.83 -24.00 24.91
C LEU C 289 28.09 -23.93 26.23
N SER C 290 26.78 -24.17 26.20
CA SER C 290 25.99 -24.08 27.42
C SER C 290 26.34 -25.19 28.40
N PHE C 291 26.76 -26.35 27.87
CA PHE C 291 27.25 -27.41 28.74
C PHE C 291 28.46 -26.95 29.54
N SER C 292 29.43 -26.34 28.87
CA SER C 292 30.62 -25.84 29.56
C SER C 292 30.23 -24.75 30.56
N LYS C 293 29.33 -23.86 30.16
CA LYS C 293 28.93 -22.77 31.05
C LYS C 293 28.27 -23.28 32.32
N THR C 294 27.37 -24.26 32.20
CA THR C 294 26.80 -24.87 33.39
C THR C 294 27.87 -25.56 34.23
N LEU C 295 28.75 -26.33 33.59
CA LEU C 295 29.62 -27.20 34.34
C LEU C 295 30.71 -26.39 35.04
N ASN C 296 30.87 -25.15 34.59
CA ASN C 296 31.81 -24.21 35.16
C ASN C 296 31.07 -23.49 36.29
N TYR C 297 29.84 -23.05 36.02
CA TYR C 297 29.06 -22.39 37.06
C TYR C 297 29.01 -23.24 38.32
N LEU C 298 28.88 -24.56 38.17
CA LEU C 298 29.07 -25.44 39.30
C LEU C 298 30.57 -25.58 39.58
N ASP C 299 30.95 -26.51 40.45
CA ASP C 299 32.36 -26.84 40.62
C ASP C 299 32.87 -27.38 39.29
N SER C 300 34.17 -27.27 39.03
CA SER C 300 34.62 -27.53 37.67
C SER C 300 35.08 -28.97 37.47
N GLY C 301 36.16 -29.36 38.15
CA GLY C 301 36.65 -30.72 38.00
C GLY C 301 37.31 -30.94 36.65
N LEU C 302 36.49 -30.85 35.59
CA LEU C 302 36.95 -31.09 34.22
C LEU C 302 36.35 -30.08 33.26
N ALA C 303 35.51 -29.21 33.73
CA ALA C 303 34.86 -28.43 32.74
C ALA C 303 35.78 -27.82 31.78
N PHE C 304 37.06 -28.01 31.98
CA PHE C 304 37.98 -27.47 31.00
C PHE C 304 38.21 -28.44 29.88
N PHE C 305 37.78 -29.66 30.05
CA PHE C 305 37.77 -30.54 28.96
C PHE C 305 36.59 -30.13 28.17
N SER C 306 35.50 -29.63 28.74
CA SER C 306 34.42 -29.12 27.94
C SER C 306 34.78 -27.86 27.28
N PHE C 307 35.69 -27.08 27.77
CA PHE C 307 36.25 -25.98 26.89
C PHE C 307 37.10 -26.38 25.77
N ALA C 308 37.92 -27.38 25.80
CA ALA C 308 38.58 -27.70 24.61
C ALA C 308 37.53 -28.04 23.68
N ILE C 309 36.77 -29.07 23.96
CA ILE C 309 35.68 -29.55 23.09
C ILE C 309 34.80 -28.54 22.51
N PHE C 310 34.41 -27.51 23.20
CA PHE C 310 33.62 -26.49 22.66
C PHE C 310 34.48 -25.71 21.85
N VAL C 311 35.77 -25.51 22.03
CA VAL C 311 36.53 -24.65 21.15
C VAL C 311 36.59 -25.37 19.91
N VAL C 312 36.83 -26.67 19.87
CA VAL C 312 36.83 -27.32 18.57
C VAL C 312 35.53 -27.58 17.90
N ALA C 313 34.43 -27.65 18.60
CA ALA C 313 33.17 -27.79 18.01
C ALA C 313 32.94 -26.55 17.47
N TRP C 314 33.11 -25.44 18.12
CA TRP C 314 32.82 -24.16 17.57
C TRP C 314 33.65 -23.87 16.53
N ILE C 315 34.89 -24.20 16.49
CA ILE C 315 35.69 -23.79 15.38
C ILE C 315 35.34 -24.49 14.20
N TYR C 316 35.13 -25.78 14.22
CA TYR C 316 34.89 -26.46 13.03
C TYR C 316 33.61 -26.13 12.61
N LEU C 317 32.62 -26.17 13.45
CA LEU C 317 31.29 -25.93 13.04
C LEU C 317 31.00 -24.63 12.66
N ARG C 318 31.26 -23.61 13.39
CA ARG C 318 30.70 -22.40 12.95
C ARG C 318 31.57 -21.87 11.96
N HIS C 319 32.87 -22.08 11.99
CA HIS C 319 33.67 -21.37 11.03
C HIS C 319 33.86 -22.05 9.96
N TYR C 320 34.41 -23.18 9.91
CA TYR C 320 34.62 -23.83 8.69
C TYR C 320 33.46 -24.18 8.06
N ILE C 321 32.45 -24.59 8.82
CA ILE C 321 31.17 -25.01 8.26
C ILE C 321 30.57 -23.94 7.40
N ASN C 322 30.37 -22.76 7.97
CA ASN C 322 29.82 -21.70 7.24
C ASN C 322 30.69 -21.00 6.34
N LEU C 323 31.97 -21.09 6.35
CA LEU C 323 32.79 -20.43 5.36
C LEU C 323 32.56 -21.32 4.23
N LYS C 324 32.60 -22.62 4.32
CA LYS C 324 32.26 -23.38 3.17
C LYS C 324 30.85 -23.19 2.70
N ILE C 325 29.85 -22.91 3.51
CA ILE C 325 28.52 -22.67 2.95
C ILE C 325 28.52 -21.36 2.32
N LEU C 326 29.24 -20.35 2.77
CA LEU C 326 29.22 -19.06 2.14
C LEU C 326 29.94 -19.06 0.88
N TRP C 327 30.94 -19.85 0.70
CA TRP C 327 31.53 -19.85 -0.58
C TRP C 327 30.77 -20.66 -1.50
N SER C 328 29.92 -21.53 -0.95
CA SER C 328 29.02 -22.35 -1.76
C SER C 328 28.10 -21.33 -2.40
N VAL C 329 27.55 -20.43 -1.58
CA VAL C 329 26.72 -19.38 -2.11
C VAL C 329 27.32 -18.68 -3.22
N LEU C 330 28.52 -18.12 -3.23
CA LEU C 330 28.95 -17.47 -4.55
C LEU C 330 29.11 -18.46 -5.68
N THR C 331 29.96 -19.39 -5.44
CA THR C 331 30.17 -20.32 -6.45
C THR C 331 29.07 -21.23 -6.84
N GLN C 332 28.19 -21.74 -6.03
CA GLN C 332 27.30 -22.74 -6.57
C GLN C 332 26.02 -22.29 -6.56
N PHE C 333 25.70 -21.05 -6.20
CA PHE C 333 24.37 -20.63 -6.35
C PHE C 333 24.50 -20.42 -7.80
N ARG C 334 25.56 -19.79 -8.41
CA ARG C 334 25.47 -19.63 -9.78
C ARG C 334 25.40 -20.76 -10.65
N THR C 335 26.30 -21.62 -10.61
CA THR C 335 26.44 -22.74 -11.54
C THR C 335 25.69 -24.00 -11.14
N GLU C 336 24.63 -23.89 -10.35
CA GLU C 336 23.84 -25.06 -9.98
C GLU C 336 22.36 -24.72 -10.09
N GLY C 337 21.54 -25.71 -10.41
CA GLY C 337 20.11 -25.49 -10.47
C GLY C 337 19.73 -24.61 -11.66
N ASN C 338 18.67 -23.83 -11.48
CA ASN C 338 18.17 -22.94 -12.50
C ASN C 338 18.45 -21.50 -12.06
N TYR C 339 19.10 -20.73 -12.92
CA TYR C 339 19.58 -19.40 -12.57
C TYR C 339 18.88 -18.27 -13.31
N VAL C 340 17.73 -18.53 -13.91
CA VAL C 340 16.92 -17.49 -14.55
C VAL C 340 15.86 -17.02 -13.57
N LEU C 341 15.52 -15.73 -13.63
CA LEU C 341 14.68 -15.16 -12.57
C LEU C 341 13.28 -15.76 -12.57
N ASN C 342 12.61 -15.76 -13.72
CA ASN C 342 11.35 -16.51 -13.90
C ASN C 342 10.37 -16.34 -12.75
N PHE C 343 9.84 -15.12 -12.58
CA PHE C 343 8.93 -14.84 -11.47
C PHE C 343 7.69 -15.72 -11.46
N ALA C 344 7.24 -16.22 -12.60
CA ALA C 344 6.01 -17.00 -12.68
C ALA C 344 6.13 -18.36 -12.03
N THR C 345 7.31 -18.98 -12.08
CA THR C 345 7.56 -20.28 -11.45
C THR C 345 7.96 -20.11 -9.99
N GLN C 346 8.09 -18.87 -9.54
CA GLN C 346 8.43 -18.57 -8.15
C GLN C 346 9.83 -18.98 -7.73
N GLN C 347 10.73 -19.11 -8.69
CA GLN C 347 12.12 -19.46 -8.40
C GLN C 347 12.88 -18.14 -8.43
N TYR C 348 13.43 -17.76 -7.28
CA TYR C 348 14.15 -16.49 -7.19
C TYR C 348 15.65 -16.66 -7.13
N LYS C 349 16.16 -17.85 -7.43
CA LYS C 349 17.60 -18.08 -7.44
C LYS C 349 18.18 -17.40 -8.67
N CYS C 350 18.63 -16.16 -8.51
CA CYS C 350 19.12 -15.37 -9.63
C CYS C 350 20.31 -14.51 -9.21
N TRP C 351 20.67 -13.55 -10.05
CA TRP C 351 21.77 -12.63 -9.76
C TRP C 351 21.37 -11.54 -8.77
N ILE C 352 20.10 -11.47 -8.38
CA ILE C 352 19.62 -10.43 -7.49
C ILE C 352 19.59 -10.96 -6.07
N SER C 353 19.14 -12.20 -5.90
CA SER C 353 19.03 -12.82 -4.58
C SER C 353 20.38 -13.25 -4.02
N LEU C 354 21.39 -13.38 -4.87
CA LEU C 354 22.72 -13.77 -4.41
C LEU C 354 23.28 -12.72 -3.47
N PRO C 355 23.21 -11.40 -3.78
CA PRO C 355 23.62 -10.40 -2.78
C PRO C 355 22.91 -10.53 -1.45
N ILE C 356 21.59 -10.76 -1.47
CA ILE C 356 20.83 -10.83 -0.22
C ILE C 356 21.26 -12.03 0.60
N VAL C 357 21.38 -13.20 -0.04
CA VAL C 357 21.81 -14.40 0.66
C VAL C 357 23.21 -14.20 1.23
N PHE C 358 24.12 -13.66 0.43
CA PHE C 358 25.47 -13.46 0.92
C PHE C 358 25.49 -12.48 2.09
N VAL C 359 24.68 -11.43 2.03
CA VAL C 359 24.63 -10.48 3.14
C VAL C 359 24.15 -11.15 4.41
N LEU C 360 23.11 -11.98 4.31
CA LEU C 360 22.58 -12.63 5.52
C LEU C 360 23.59 -13.57 6.15
N ILE C 361 24.15 -14.50 5.36
CA ILE C 361 25.12 -15.41 5.96
C ILE C 361 26.41 -14.67 6.32
N GLY C 362 26.73 -13.56 5.65
CA GLY C 362 27.87 -12.77 6.05
C GLY C 362 27.66 -12.10 7.40
N ALA C 363 26.44 -11.64 7.66
CA ALA C 363 26.13 -11.12 8.99
C ALA C 363 26.25 -12.19 10.06
N LEU C 364 25.74 -13.40 9.78
CA LEU C 364 25.99 -14.50 10.70
C LEU C 364 27.47 -14.74 10.94
N GLN C 365 28.27 -14.72 9.88
CA GLN C 365 29.70 -14.98 10.05
C GLN C 365 30.41 -13.84 10.77
N LEU C 366 29.95 -12.60 10.59
CA LEU C 366 30.50 -11.49 11.35
C LEU C 366 30.24 -11.68 12.84
N VAL C 367 29.04 -12.00 13.22
CA VAL C 367 28.80 -12.17 14.60
C VAL C 367 29.49 -13.33 15.10
N ASN C 368 29.78 -14.33 14.32
CA ASN C 368 30.42 -15.45 14.83
C ASN C 368 31.75 -15.20 14.94
N LEU C 369 32.44 -14.34 14.24
CA LEU C 369 33.85 -14.11 14.56
C LEU C 369 33.87 -13.17 15.68
N TYR C 370 32.88 -12.36 15.92
CA TYR C 370 32.84 -11.53 17.07
C TYR C 370 32.74 -12.41 18.22
N TRP C 371 31.99 -13.52 18.25
CA TRP C 371 32.04 -14.40 19.38
C TRP C 371 33.24 -15.13 19.40
N LEU C 372 33.96 -15.30 18.34
CA LEU C 372 35.22 -15.90 18.35
C LEU C 372 36.20 -15.03 18.91
N PHE C 373 36.09 -13.72 18.85
CA PHE C 373 37.09 -12.92 19.51
C PHE C 373 36.81 -13.01 20.93
N LEU C 374 35.56 -13.03 21.38
CA LEU C 374 35.34 -13.21 22.81
C LEU C 374 35.91 -14.54 23.27
N ILE C 375 35.75 -15.60 22.52
CA ILE C 375 36.23 -16.86 22.93
C ILE C 375 37.65 -16.95 22.95
N PHE C 376 38.36 -16.27 22.07
CA PHE C 376 39.84 -16.37 22.01
C PHE C 376 40.54 -15.46 22.92
N ARG C 377 39.83 -14.41 23.29
CA ARG C 377 40.32 -13.53 24.31
C ARG C 377 40.24 -14.37 25.55
N VAL C 378 39.12 -15.05 25.81
CA VAL C 378 39.05 -15.81 26.99
C VAL C 378 39.98 -16.88 26.92
N LEU C 379 40.25 -17.58 25.84
CA LEU C 379 41.21 -18.67 25.92
C LEU C 379 42.60 -18.17 26.37
N TYR C 380 43.31 -17.26 25.73
CA TYR C 380 44.65 -16.84 26.26
C TYR C 380 44.62 -16.12 27.55
N ARG C 381 43.44 -15.67 27.97
CA ARG C 381 43.31 -14.86 29.13
C ARG C 381 43.30 -15.65 30.33
N ILE C 382 42.36 -16.55 30.32
CA ILE C 382 42.12 -17.43 31.40
C ILE C 382 43.30 -18.27 31.51
N LEU C 383 43.71 -18.97 30.47
CA LEU C 383 44.89 -19.80 30.59
C LEU C 383 46.12 -19.03 31.08
N TRP C 384 46.34 -17.82 30.53
CA TRP C 384 47.41 -16.96 31.04
C TRP C 384 47.18 -15.82 32.06
N ARG C 385 46.36 -16.12 33.05
CA ARG C 385 46.22 -15.24 34.17
C ARG C 385 46.18 -16.09 35.43
N LYS D 19 7.26 -2.51 28.15
CA LYS D 19 7.28 -3.92 28.52
C LYS D 19 6.34 -4.73 27.63
N ILE D 20 5.08 -4.54 27.84
CA ILE D 20 4.15 -5.21 27.05
C ILE D 20 3.82 -4.42 25.89
N PHE D 21 3.97 -3.12 25.92
CA PHE D 21 3.55 -2.42 24.72
C PHE D 21 4.50 -2.67 23.71
N ASN D 22 5.75 -2.60 24.04
CA ASN D 22 6.82 -2.87 23.19
C ASN D 22 6.59 -4.22 22.53
N LEU D 23 6.31 -5.28 23.27
CA LEU D 23 6.06 -6.60 22.76
C LEU D 23 4.98 -6.54 21.81
N PHE D 24 3.81 -6.02 22.07
CA PHE D 24 2.77 -6.07 21.04
C PHE D 24 3.08 -5.25 19.83
N ARG D 25 3.79 -4.16 19.97
CA ARG D 25 4.11 -3.39 18.83
C ARG D 25 5.07 -4.14 18.00
N VAL D 26 6.03 -4.84 18.55
CA VAL D 26 6.93 -5.60 17.68
C VAL D 26 6.18 -6.76 17.09
N CYS D 27 5.25 -7.36 17.77
CA CYS D 27 4.46 -8.42 17.15
C CYS D 27 3.63 -7.95 16.01
N PHE D 28 3.48 -6.69 15.74
CA PHE D 28 2.57 -6.32 14.70
C PHE D 28 3.29 -5.77 13.52
N ILE D 29 4.55 -5.46 13.67
CA ILE D 29 5.36 -5.06 12.58
C ILE D 29 5.94 -6.29 12.02
N SER D 30 6.19 -7.32 12.79
CA SER D 30 6.72 -8.50 12.26
C SER D 30 5.67 -9.06 11.48
N LEU D 31 4.45 -9.18 11.92
CA LEU D 31 3.37 -9.68 11.10
C LEU D 31 3.04 -8.83 9.97
N LEU D 32 3.24 -7.55 10.02
CA LEU D 32 2.99 -6.74 8.84
C LEU D 32 3.95 -7.08 7.89
N LEU D 33 5.20 -7.21 8.20
CA LEU D 33 6.17 -7.56 7.21
C LEU D 33 6.10 -8.97 6.77
N ILE D 34 5.48 -9.89 7.49
CA ILE D 34 5.34 -11.22 7.02
C ILE D 34 4.40 -11.08 5.97
N ALA D 35 3.29 -10.39 6.16
CA ALA D 35 2.36 -10.24 5.06
C ALA D 35 2.82 -9.40 3.99
N ALA D 36 3.73 -8.48 4.16
CA ALA D 36 4.14 -7.68 3.03
C ALA D 36 4.89 -8.51 2.23
N VAL D 37 5.80 -9.36 2.72
CA VAL D 37 6.44 -10.24 1.73
C VAL D 37 5.67 -11.30 1.16
N GLU D 38 4.57 -11.71 1.73
CA GLU D 38 3.75 -12.68 1.05
C GLU D 38 3.05 -12.08 -0.04
N TYR D 39 2.86 -10.81 -0.04
CA TYR D 39 2.20 -10.15 -1.11
C TYR D 39 3.15 -9.79 -2.17
N PHE D 40 4.44 -9.91 -1.99
CA PHE D 40 5.37 -9.64 -2.99
C PHE D 40 5.28 -10.87 -3.73
N LYS D 41 5.44 -12.05 -3.21
CA LYS D 41 5.35 -13.25 -3.98
C LYS D 41 4.17 -13.47 -4.74
N TYR D 42 3.05 -13.28 -4.20
CA TYR D 42 1.82 -13.44 -4.87
C TYR D 42 1.66 -12.44 -5.85
N GLY D 43 1.87 -11.21 -5.51
CA GLY D 43 1.68 -10.15 -6.41
C GLY D 43 2.57 -10.23 -7.49
N THR D 44 3.81 -10.63 -7.45
CA THR D 44 4.63 -10.61 -8.63
C THR D 44 4.50 -11.80 -9.37
N ARG D 45 3.86 -12.80 -8.91
CA ARG D 45 3.66 -13.98 -9.59
C ARG D 45 2.55 -13.91 -10.35
N ILE D 46 1.47 -13.24 -9.93
CA ILE D 46 0.29 -13.30 -10.80
C ILE D 46 0.45 -12.44 -11.89
N ASN D 47 1.13 -11.42 -11.76
CA ASN D 47 1.42 -10.53 -12.86
C ASN D 47 2.93 -10.33 -13.01
N TYR D 48 3.54 -11.21 -13.78
CA TYR D 48 4.97 -11.18 -14.07
C TYR D 48 5.25 -10.64 -15.46
N GLU D 49 4.23 -10.34 -16.24
CA GLU D 49 4.38 -10.01 -17.64
C GLU D 49 5.04 -8.65 -17.87
N TRP D 50 5.19 -8.02 -16.71
CA TRP D 50 5.80 -6.75 -16.68
C TRP D 50 7.07 -6.60 -16.19
N PHE D 51 7.56 -7.56 -15.52
CA PHE D 51 8.92 -7.71 -15.03
C PHE D 51 9.84 -8.30 -16.09
N HIS D 52 9.34 -9.20 -16.93
CA HIS D 52 10.17 -9.90 -17.91
C HIS D 52 9.91 -9.48 -19.34
N CYS D 53 8.66 -9.11 -19.68
CA CYS D 53 8.29 -8.78 -21.06
C CYS D 53 8.16 -7.28 -21.19
N THR D 54 8.80 -6.72 -22.22
CA THR D 54 8.72 -5.30 -22.52
C THR D 54 7.94 -5.10 -23.81
N PRO D 55 6.78 -4.47 -23.78
CA PRO D 55 5.96 -4.34 -24.98
C PRO D 55 6.55 -3.38 -26.02
N ILE D 56 6.92 -3.91 -27.17
CA ILE D 56 7.44 -3.11 -28.27
C ILE D 56 6.32 -2.93 -29.30
N LYS D 57 5.99 -1.68 -29.60
CA LYS D 57 4.92 -1.35 -30.54
C LYS D 57 5.54 -0.64 -31.75
N GLU D 58 5.11 -1.04 -32.94
CA GLU D 58 5.63 -0.50 -34.18
C GLU D 58 4.49 0.18 -34.94
N PRO D 59 4.35 1.50 -34.83
CA PRO D 59 3.16 2.17 -35.39
C PRO D 59 3.10 2.09 -36.91
N GLN D 60 1.96 1.62 -37.43
CA GLN D 60 1.73 1.60 -38.87
C GLN D 60 1.17 2.95 -39.30
N SER D 61 0.66 3.01 -40.53
CA SER D 61 0.17 4.25 -41.13
C SER D 61 -1.23 4.55 -40.60
N GLY D 62 -1.30 5.44 -39.61
CA GLY D 62 -2.58 5.85 -39.06
C GLY D 62 -2.65 5.69 -37.56
N SER D 63 -3.75 5.13 -37.06
CA SER D 63 -3.85 4.79 -35.65
C SER D 63 -3.60 3.30 -35.42
N VAL D 64 -3.11 2.60 -36.43
CA VAL D 64 -2.82 1.17 -36.33
C VAL D 64 -1.38 1.02 -35.84
N ILE D 65 -1.19 0.28 -34.77
CA ILE D 65 0.13 -0.03 -34.24
C ILE D 65 0.22 -1.53 -34.03
N LYS D 66 1.40 -2.09 -34.29
CA LYS D 66 1.64 -3.53 -34.22
C LYS D 66 2.34 -3.85 -32.91
N LEU D 67 1.69 -4.66 -32.08
CA LEU D 67 2.19 -5.00 -30.75
C LEU D 67 2.92 -6.34 -30.78
N TRP D 68 3.96 -6.45 -29.95
CA TRP D 68 4.52 -7.73 -29.55
C TRP D 68 5.28 -7.51 -28.25
N ALA D 69 6.07 -8.51 -27.85
CA ALA D 69 6.82 -8.42 -26.60
C ALA D 69 8.21 -8.97 -26.81
N ARG D 70 9.15 -8.51 -25.98
CA ARG D 70 10.55 -8.91 -26.08
C ARG D 70 11.11 -9.08 -24.68
N GLY D 71 11.52 -10.30 -24.34
CA GLY D 71 12.05 -10.57 -23.03
C GLY D 71 12.99 -11.75 -22.99
N GLY D 72 13.26 -12.26 -21.78
CA GLY D 72 14.10 -13.42 -21.62
C GLY D 72 13.31 -14.71 -21.80
N PRO D 73 13.86 -15.81 -21.32
CA PRO D 73 13.14 -17.09 -21.44
C PRO D 73 11.92 -17.13 -20.53
N SER D 74 11.80 -16.15 -19.64
CA SER D 74 10.66 -16.04 -18.75
C SER D 74 9.48 -15.35 -19.42
N CYS D 75 9.65 -14.90 -20.66
CA CYS D 75 8.57 -14.30 -21.44
C CYS D 75 8.03 -15.39 -22.37
N ASP D 76 7.24 -16.29 -21.82
CA ASP D 76 6.60 -17.35 -22.59
C ASP D 76 5.37 -16.79 -23.29
N LYS D 77 4.73 -17.62 -24.10
CA LYS D 77 3.61 -17.18 -24.92
C LYS D 77 2.48 -16.61 -24.06
N ARG D 78 2.30 -17.16 -22.86
CA ARG D 78 1.33 -16.58 -21.93
C ARG D 78 1.69 -15.16 -21.53
N GLY D 79 2.95 -14.89 -21.24
CA GLY D 79 3.38 -13.55 -20.88
C GLY D 79 3.21 -12.57 -22.02
N GLU D 80 3.58 -12.99 -23.23
CA GLU D 80 3.37 -12.14 -24.39
C GLU D 80 1.89 -11.86 -24.61
N TYR D 81 1.04 -12.87 -24.48
CA TYR D 81 -0.39 -12.65 -24.66
C TYR D 81 -0.93 -11.68 -23.61
N LYS D 82 -0.54 -11.85 -22.35
CA LYS D 82 -1.03 -10.94 -21.31
C LYS D 82 -0.55 -9.51 -21.54
N THR D 83 0.71 -9.32 -21.91
CA THR D 83 1.19 -7.95 -22.11
C THR D 83 0.58 -7.32 -23.34
N ILE D 84 0.35 -8.10 -24.41
CA ILE D 84 -0.34 -7.58 -25.58
C ILE D 84 -1.76 -7.17 -25.22
N VAL D 85 -2.47 -8.02 -24.47
CA VAL D 85 -3.85 -7.70 -24.11
C VAL D 85 -3.91 -6.46 -23.23
N LYS D 86 -2.99 -6.37 -22.27
CA LYS D 86 -2.93 -5.23 -21.37
C LYS D 86 -2.72 -3.95 -22.17
N ARG D 87 -1.75 -3.97 -23.08
CA ARG D 87 -1.46 -2.80 -23.90
C ARG D 87 -2.63 -2.43 -24.78
N ILE D 88 -3.29 -3.43 -25.40
CA ILE D 88 -4.41 -3.14 -26.29
C ILE D 88 -5.57 -2.52 -25.52
N THR D 89 -5.87 -3.03 -24.33
CA THR D 89 -7.01 -2.56 -23.56
C THR D 89 -6.69 -1.36 -22.68
N ARG D 90 -5.41 -0.96 -22.61
CA ARG D 90 -5.03 0.15 -21.76
C ARG D 90 -4.54 1.37 -22.53
N ASP D 91 -4.11 1.21 -23.78
CA ASP D 91 -3.68 2.32 -24.59
C ASP D 91 -4.78 2.85 -25.51
N TYR D 92 -5.89 2.13 -25.65
CA TYR D 92 -6.99 2.53 -26.52
C TYR D 92 -8.26 2.62 -25.69
N GLU D 93 -8.97 3.73 -25.81
CA GLU D 93 -10.21 3.93 -25.08
C GLU D 93 -11.39 3.69 -26.01
N PRO D 94 -12.15 2.61 -25.83
CA PRO D 94 -13.28 2.35 -26.73
C PRO D 94 -14.52 3.14 -26.38
N ASN D 95 -14.54 4.00 -25.41
CA ASN D 95 -15.72 4.77 -25.25
C ASN D 95 -15.54 6.02 -26.04
N ASP D 96 -14.48 6.26 -26.78
CA ASP D 96 -14.30 7.39 -27.67
C ASP D 96 -14.78 6.71 -28.88
N GLU D 97 -13.92 5.98 -29.54
CA GLU D 97 -14.39 5.19 -30.56
C GLU D 97 -13.84 3.86 -30.50
N HIS D 98 -14.47 2.98 -31.16
CA HIS D 98 -14.19 1.65 -31.06
C HIS D 98 -13.08 1.00 -31.69
N LEU D 99 -12.25 0.24 -31.00
CA LEU D 99 -11.08 -0.35 -31.64
C LEU D 99 -11.43 -1.74 -32.17
N SER D 100 -10.57 -2.26 -33.03
CA SER D 100 -10.74 -3.59 -33.63
C SER D 100 -9.35 -4.16 -33.89
N PHE D 101 -9.03 -5.25 -33.21
CA PHE D 101 -7.68 -5.81 -33.19
C PHE D 101 -7.73 -7.29 -33.52
N CYS D 102 -6.60 -7.84 -33.97
CA CYS D 102 -6.44 -9.28 -34.14
C CYS D 102 -5.13 -9.69 -33.48
N ILE D 103 -5.12 -10.86 -32.84
CA ILE D 103 -3.90 -11.38 -32.25
C ILE D 103 -3.46 -12.59 -33.06
N ILE D 104 -2.24 -12.53 -33.59
CA ILE D 104 -1.73 -13.51 -34.54
C ILE D 104 -0.67 -14.32 -33.81
N GLU D 105 -0.85 -15.64 -33.77
CA GLU D 105 0.13 -16.51 -33.14
C GLU D 105 1.20 -16.93 -34.14
N ASN D 106 2.42 -17.06 -33.65
CA ASN D 106 3.49 -17.67 -34.41
C ASN D 106 3.60 -19.14 -33.97
N ASP D 107 3.26 -20.05 -34.87
CA ASP D 107 3.21 -21.47 -34.53
C ASP D 107 4.52 -22.26 -34.57
N ASN D 108 5.47 -21.81 -35.36
CA ASN D 108 6.73 -22.52 -35.48
C ASN D 108 7.62 -22.14 -34.30
N VAL D 109 7.06 -22.22 -33.10
CA VAL D 109 7.67 -21.70 -31.88
C VAL D 109 7.21 -22.51 -30.68
N PRO D 110 8.11 -23.02 -29.84
CA PRO D 110 7.69 -23.64 -28.58
C PRO D 110 7.24 -22.58 -27.58
N PRO D 111 6.45 -22.95 -26.57
CA PRO D 111 5.93 -21.95 -25.63
C PRO D 111 7.00 -21.17 -24.89
N VAL D 112 8.18 -21.75 -24.71
CA VAL D 112 9.31 -21.03 -24.13
C VAL D 112 10.43 -20.99 -25.16
N HIS D 113 10.69 -19.81 -25.72
CA HIS D 113 11.49 -19.71 -26.93
C HIS D 113 12.49 -18.56 -26.97
N TYR D 114 12.41 -17.60 -26.08
CA TYR D 114 13.35 -16.49 -26.20
C TYR D 114 14.72 -16.87 -25.67
N PRO D 115 15.77 -16.74 -26.48
CA PRO D 115 17.12 -16.87 -25.95
C PRO D 115 17.40 -15.78 -24.94
N ILE D 116 18.00 -16.15 -23.86
CA ILE D 116 18.27 -15.23 -22.78
C ILE D 116 19.16 -14.16 -23.12
N HIS D 117 19.80 -14.25 -24.26
CA HIS D 117 20.79 -13.32 -24.60
C HIS D 117 20.38 -12.05 -25.27
N GLU D 118 20.60 -11.73 -26.54
CA GLU D 118 20.15 -10.47 -27.06
C GLU D 118 19.78 -10.43 -28.49
N ASP D 119 19.59 -11.56 -29.11
CA ASP D 119 19.15 -11.55 -30.46
C ASP D 119 17.83 -12.28 -30.58
N LYS D 120 17.11 -12.30 -29.46
CA LYS D 120 15.80 -12.93 -29.32
C LYS D 120 15.18 -13.77 -30.45
N GLY D 121 14.94 -13.20 -31.63
CA GLY D 121 14.25 -14.00 -32.64
C GLY D 121 12.81 -13.60 -32.88
N GLU D 122 12.00 -14.47 -33.42
CA GLU D 122 10.67 -14.13 -33.73
C GLU D 122 9.81 -14.06 -32.57
N PRO D 123 8.72 -13.33 -32.58
CA PRO D 123 7.92 -13.30 -31.36
C PRO D 123 6.78 -14.30 -31.41
N GLY D 124 6.37 -14.75 -30.23
CA GLY D 124 5.29 -15.70 -30.12
C GLY D 124 3.95 -15.17 -30.59
N TYR D 125 3.61 -13.96 -30.16
CA TYR D 125 2.32 -13.35 -30.46
C TYR D 125 2.53 -11.96 -31.04
N VAL D 126 1.89 -11.68 -32.16
CA VAL D 126 1.96 -10.38 -32.83
C VAL D 126 0.54 -9.89 -33.02
N ALA D 127 0.25 -8.68 -32.54
CA ALA D 127 -1.09 -8.13 -32.61
C ALA D 127 -1.11 -6.84 -33.40
N TYR D 128 -2.14 -6.68 -34.23
CA TYR D 128 -2.40 -5.46 -34.97
C TYR D 128 -3.65 -4.82 -34.39
N VAL D 129 -3.49 -3.78 -33.59
CA VAL D 129 -4.64 -3.13 -32.98
C VAL D 129 -4.98 -1.93 -33.87
N GLY D 130 -6.15 -1.36 -33.68
CA GLY D 130 -6.60 -0.33 -34.60
C GLY D 130 -7.75 0.51 -34.08
N TYR D 131 -8.65 0.93 -34.94
CA TYR D 131 -9.76 1.75 -34.45
C TYR D 131 -10.88 1.56 -35.43
N ASP D 132 -11.72 2.56 -35.61
CA ASP D 132 -12.64 2.30 -36.55
C ASP D 132 -12.76 3.21 -37.66
N THR D 133 -11.92 4.19 -37.65
CA THR D 133 -11.93 5.08 -38.70
C THR D 133 -11.06 4.50 -39.77
N ASP D 134 -10.10 3.62 -39.44
CA ASP D 134 -9.23 2.95 -40.36
C ASP D 134 -9.27 1.49 -40.12
N SER D 135 -10.42 1.00 -39.95
CA SER D 135 -10.71 -0.40 -39.70
C SER D 135 -10.33 -1.25 -40.91
N GLU D 136 -10.45 -0.66 -42.10
CA GLU D 136 -10.10 -1.37 -43.32
C GLU D 136 -8.64 -1.78 -43.31
N LEU D 137 -7.77 -0.89 -42.82
CA LEU D 137 -6.35 -1.19 -42.76
C LEU D 137 -6.08 -2.37 -41.83
N VAL D 138 -6.72 -2.40 -40.66
CA VAL D 138 -6.53 -3.52 -39.74
C VAL D 138 -7.03 -4.81 -40.37
N GLN D 139 -8.20 -4.74 -41.01
CA GLN D 139 -8.79 -5.90 -41.67
C GLN D 139 -7.85 -6.45 -42.73
N GLU D 140 -7.17 -5.55 -43.45
CA GLU D 140 -6.25 -5.95 -44.50
C GLU D 140 -4.94 -6.50 -43.96
N LEU D 141 -4.42 -5.94 -42.86
CA LEU D 141 -3.22 -6.48 -42.22
C LEU D 141 -3.47 -7.80 -41.53
N CYS D 142 -4.66 -8.00 -40.98
CA CYS D 142 -5.05 -9.30 -40.41
C CYS D 142 -5.56 -10.19 -41.54
N ALA D 143 -4.61 -10.85 -42.19
CA ALA D 143 -4.87 -11.61 -43.41
C ALA D 143 -6.08 -12.51 -43.29
N ASP D 144 -6.07 -13.44 -42.35
CA ASP D 144 -7.22 -14.32 -42.17
C ASP D 144 -7.58 -14.55 -40.71
N SER D 145 -6.85 -13.99 -39.75
CA SER D 145 -7.17 -14.19 -38.35
C SER D 145 -8.46 -13.45 -37.99
N THR D 146 -9.14 -13.97 -36.97
CA THR D 146 -10.37 -13.34 -36.52
C THR D 146 -10.08 -11.96 -35.95
N ILE D 147 -11.00 -11.03 -36.19
CA ILE D 147 -10.87 -9.65 -35.73
C ILE D 147 -11.84 -9.44 -34.58
N TYR D 148 -11.31 -8.94 -33.46
CA TYR D 148 -12.09 -8.77 -32.24
C TYR D 148 -12.46 -7.31 -32.08
N HIS D 149 -13.73 -7.03 -31.87
CA HIS D 149 -14.21 -5.68 -31.65
C HIS D 149 -14.49 -5.46 -30.17
N MET D 150 -14.08 -4.30 -29.67
CA MET D 150 -14.47 -3.87 -28.33
C MET D 150 -15.21 -2.56 -28.40
C31 6PL E . -1.39 33.19 -19.26
C32 6PL E . -1.57 32.70 -17.84
C33 6PL E . -3.03 32.85 -17.43
C34 6PL E . -3.34 32.01 -16.19
C35 6PL E . -3.58 32.92 -14.99
C36 6PL E . -2.38 32.93 -14.06
C37 6PL E . -2.82 32.89 -12.59
C38 6PL E . -3.52 34.19 -12.20
C39 6PL E . -3.45 34.42 -10.70
C40 6PL E . -4.58 33.70 -9.97
C41 6PL E . -4.87 34.35 -8.63
C42 6PL E . -6.00 33.63 -7.90
C43 6PL E . -7.19 34.55 -7.68
C44 6PL E . -8.45 33.75 -7.39
C45 6PL E . -9.37 34.51 -6.43
C46 6PL E . -8.76 34.60 -5.05
C47 6PL E . -9.59 33.85 -4.02
C48 6PL E . -9.32 34.34 -2.62
C1 9NY F . -24.62 46.31 21.72
C2 9NY F . -25.43 47.33 22.02
C3 9NY F . -26.04 47.43 23.20
C4 9NY F . -24.71 47.59 20.01
N1 9NY F . -25.88 46.55 24.16
N2 9NY F . -24.43 45.39 22.67
C5 9NY F . -23.23 45.67 19.44
C6 9NY F . -25.06 45.49 23.92
C7 9NY F . -22.75 44.37 20.02
C8 9NY F . -22.74 43.49 18.84
C9 9NY F . -22.82 44.43 17.70
C10 9NY F . -23.28 43.75 16.43
C11 9NY F . -21.11 35.69 14.70
C12 9NY F . -18.39 18.92 -3.58
C13 9NY F . -19.17 20.00 -2.77
C14 9NY F . -18.86 17.48 -3.44
C15 9NY F . -18.28 20.98 -1.87
C16 9NY F . -17.83 16.50 -2.97
C17 9NY F . -17.91 22.45 -2.40
C18 9NY F . -17.81 15.29 -3.86
C19 9NY F . -16.59 23.15 -1.93
C20 9NY F . -17.03 14.10 -3.33
C21 9NY F . -16.79 23.90 -0.67
C22 9NY F . -17.52 12.92 -4.02
C23 9NY F . -15.94 25.13 -0.63
C24 9NY F . -20.76 37.05 14.36
C25 9NY F . -20.04 34.82 14.09
C26 9NY F . -16.92 11.68 -3.58
C27 9NY F . -16.12 25.88 0.71
C28 9NY F . -17.37 10.76 -4.63
C29 9NY F . -15.64 27.38 0.72
C30 9NY F . -20.97 35.75 16.18
C31 9NY F . -22.50 35.29 14.42
C32 9NY F . -16.88 9.43 -4.27
C33 9NY F . -16.24 28.17 1.93
C34 9NY F . -16.85 8.60 -5.48
C35 9NY F . -16.36 29.70 1.77
C36 9NY F . -20.27 34.20 12.83
C37 9NY F . -16.59 7.18 -5.10
C38 9NY F . -15.10 30.52 2.23
C39 9NY F . -17.32 6.27 -6.02
C40 9NY F . -14.80 30.72 3.75
C41 9NY F . -19.26 33.02 11.00
C42 9NY F . -17.92 5.08 -5.36
C43 9NY F . -17.74 32.82 10.61
C44 9NY F . -14.75 32.15 4.43
C45 9NY F . -17.41 32.78 9.15
C46 9NY F . -15.19 31.04 7.07
C47 9NY F . -16.65 31.54 7.28
N3 9NY F . -26.80 48.48 23.37
N4 9NY F . -25.46 48.12 20.96
N5 9NY F . -24.17 46.45 20.43
N6 9NY F . -19.28 33.59 12.32
N7 9NY F . -16.99 31.66 8.69
O1 9NY F . -21.45 44.50 20.65
O2 9NY F . -21.57 42.65 18.79
O3 9NY F . -23.79 45.24 18.15
O4 9NY F . -22.20 43.28 15.52
O5 9NY F . -20.16 42.90 20.88
O6 9NY F . -22.03 41.30 20.85
O7 9NY F . -19.99 40.72 19.48
O8 9NY F . -21.50 40.81 14.51
O9 9NY F . -20.22 42.65 14.90
O10 9NY F . -20.87 41.24 16.68
O11 9NY F . -21.59 38.14 14.77
O12 9NY F . -19.88 33.76 14.86
O13 9NY F . -20.63 39.34 13.17
O14 9NY F . -19.96 39.03 15.88
O15 9NY F . -21.28 34.28 12.28
O16 9NY F . -15.12 33.12 3.82
O17 9NY F . -17.44 33.76 8.46
P1 9NY F . -20.86 41.78 19.97
P2 9NY F . -21.26 41.91 15.46
P3 9NY F . -20.82 39.47 14.73
S1 9NY F . -14.10 32.32 6.29
C26 6PL G . -10.15 10.27 2.95
C25 6PL G . -10.54 8.99 2.23
C24 6PL G . -9.73 8.67 1.02
C23 6PL G . -8.39 8.04 1.35
C22 6PL G . -8.22 6.75 0.60
C21 6PL G . -9.12 6.68 -0.61
C20 6PL G . -9.27 5.27 -1.09
C19 6PL G . -8.11 4.42 -0.61
C18 6PL G . -7.00 4.32 -1.64
C17 6PL G . -7.05 3.01 -2.39
C16 6PL G . -5.68 2.63 -2.84
C15 6PL G . -5.81 1.87 -4.14
C14 6PL G . -7.19 1.29 -4.39
C13 6PL G . -7.08 0.55 -5.69
C12 6PL G . -8.21 -0.39 -5.94
C11 6PL G . -7.94 -1.30 -7.05
O11 6PL G . -7.22 -0.91 -7.84
O3 6PL G . -8.49 -2.61 -7.21
C3 6PL G . -8.42 -3.47 -8.32
C2 6PL G . -7.47 -4.62 -8.23
C1 6PL G . -8.10 -5.87 -8.71
O3P 6PL G . -6.99 -6.54 -9.28
P 6PL G . -6.86 -7.63 -10.38
O1P 6PL G . -7.23 -8.88 -9.85
O2P 6PL G . -7.60 -7.17 -11.49
O4P 6PL G . -5.34 -7.46 -10.64
O2 6PL G . -7.06 -4.84 -6.94
C31 6PL G . -5.61 -4.86 -6.64
O31 6PL G . -5.16 -5.71 -5.91
C32 6PL G . -4.62 -3.88 -7.18
C33 6PL G . -3.60 -3.60 -6.08
C34 6PL G . -4.31 -3.45 -4.74
C35 6PL G . -3.80 -2.31 -3.88
C36 6PL G . -4.81 -1.96 -2.82
C37 6PL G . -6.10 -2.76 -2.95
C38 6PL G . -6.88 -2.77 -1.66
C39 6PL G . -6.45 -1.61 -0.79
C40 6PL G . -7.63 -0.99 -0.02
C41 6PL G . -7.15 0.00 1.02
C42 6PL G . -8.20 0.19 2.09
C31 6PL H . -5.20 13.32 -12.76
C32 6PL H . -6.05 14.19 -11.85
C33 6PL H . -5.50 14.54 -10.47
C34 6PL H . -5.44 16.02 -10.13
C35 6PL H . -4.47 16.45 -9.03
C36 6PL H . -4.84 17.88 -8.73
C37 6PL H . -4.47 18.46 -7.41
C38 6PL H . -5.64 18.85 -6.51
C39 6PL H . -5.76 20.33 -6.33
C40 6PL H . -6.50 20.83 -5.14
C41 6PL H . -5.53 20.99 -3.99
C42 6PL H . -6.10 21.06 -2.60
C43 6PL H . -5.15 21.29 -1.46
C44 6PL H . -4.92 20.17 -0.42
C45 6PL H . -6.11 19.63 0.41
C46 6PL H . -5.90 18.32 1.17
C47 6PL H . -7.10 17.74 1.83
C48 6PL H . -7.18 18.07 3.29
C31 6PL I . -0.25 -36.11 13.12
C32 6PL I . 0.40 -34.78 13.45
C33 6PL I . 1.89 -34.87 13.19
C34 6PL I . 2.52 -33.49 13.13
C35 6PL I . 3.42 -33.24 14.34
C36 6PL I . 2.74 -32.33 15.35
C37 6PL I . 3.73 -31.34 15.94
C38 6PL I . 4.77 -32.04 16.81
C39 6PL I . 5.37 -31.09 17.83
C40 6PL I . 6.53 -30.30 17.22
C41 6PL I . 7.49 -29.82 18.31
C42 6PL I . 8.65 -29.03 17.70
C43 6PL I . 9.98 -29.71 18.00
C44 6PL I . 11.06 -29.22 17.05
C45 6PL I . 12.43 -29.20 17.74
C46 6PL I . 12.48 -28.13 18.82
C47 6PL I . 13.50 -27.05 18.47
C48 6PL I . 13.93 -26.30 19.71
C1 9NY J . 40.02 -19.40 35.27
C2 9NY J . 41.07 -20.00 35.83
C3 9NY J . 42.12 -19.33 36.29
C4 9NY J . 39.64 -21.50 35.23
N1 9NY J . 42.21 -18.04 36.24
N2 9NY J . 40.07 -18.06 35.19
C5 9NY J . 37.71 -20.36 34.14
C6 9NY J . 41.17 -17.35 35.68
C7 9NY J . 37.28 -18.99 33.72
C8 9NY J . 36.60 -19.28 32.44
C9 9NY J . 36.38 -20.75 32.47
C10 9NY J . 36.11 -21.31 31.09
C11 9NY J . 31.89 -16.85 25.17
C12 9NY J . 18.56 -18.65 4.17
C13 9NY J . 19.80 -18.93 5.07
C14 9NY J . 18.73 -17.70 3.00
C15 9NY J . 19.58 -18.73 6.64
C16 9NY J . 17.83 -16.51 2.96
C17 9NY J . 19.31 -20.01 7.58
C18 9NY J . 17.21 -16.36 1.61
C19 9NY J . 18.47 -19.87 8.89
C20 9NY J . 16.51 -15.05 1.36
C21 9NY J . 19.34 -19.47 10.05
C22 9NY J . 16.41 -14.87 -0.09
C23 9NY J . 18.83 -20.09 11.32
C24 9NY J . 31.71 -17.93 26.13
C25 9NY J . 30.52 -16.52 24.65
C26 9NY J . 15.83 -13.62 -0.50
C27 9NY J . 19.69 -19.63 12.52
C28 9NY J . 15.60 -13.87 -1.93
C29 9NY J . 19.58 -20.53 13.81
C30 9NY J . 32.40 -15.78 26.08
C31 9NY J . 32.92 -17.08 24.15
C32 9NY J . 15.07 -12.63 -2.51
C33 9NY J . 20.76 -20.28 14.80
C34 9NY J . 14.37 -12.96 -3.73
C35 9NY J . 21.10 -21.41 15.78
C36 9NY J . 30.07 -17.08 23.43
C37 9NY J . 14.01 -11.70 -4.47
C38 9NY J . 20.34 -21.37 17.15
C39 9NY J . 14.09 -11.92 -5.94
C40 9NY J . 20.76 -20.33 18.25
C41 9NY J . 28.18 -17.44 22.00
C42 9NY J . 14.66 -10.79 -6.69
C43 9NY J . 26.63 -17.28 22.27
C44 9NY J . 21.26 -20.77 19.68
C45 9NY J . 25.72 -18.27 21.59
C46 9NY J . 22.54 -18.20 20.12
C47 9NY J . 24.02 -18.67 19.98
N3 9NY J . 43.08 -20.05 36.83
N4 9NY J . 40.81 -21.30 35.83
N5 9NY J . 39.11 -20.33 34.86
N6 9NY J . 28.86 -16.84 23.12
N7 9NY J . 24.94 -17.78 20.70
O1 9NY J . 36.41 -18.36 34.68
O2 9NY J . 35.37 -18.53 32.29
O3 9NY J . 37.59 -21.14 32.91
O4 9NY J . 34.69 -21.44 30.69
O5 9NY J . 35.05 -16.90 34.19
O6 9NY J . 36.38 -16.24 32.22
O7 9NY J . 33.88 -16.45 31.90
O8 9NY J . 33.17 -20.43 28.64
O9 9NY J . 32.55 -21.09 30.73
O10 9NY J . 33.59 -19.01 30.40
O11 9NY J . 32.83 -18.50 26.80
O12 9NY J . 30.48 -15.23 24.38
O13 9NY J . 31.56 -20.27 27.22
O14 9NY J . 32.02 -17.96 28.74
O15 9NY J . 30.77 -17.73 22.77
O16 9NY J . 21.53 -21.92 19.91
O17 9NY J . 25.65 -19.42 21.91
P1 9NY J . 35.07 -16.97 32.59
P2 9NY J . 33.57 -20.41 30.07
P3 9NY J . 32.38 -19.25 28.07
S1 9NY J . 21.51 -19.38 21.07
C26 6PL K . 12.27 -6.61 4.87
C25 6PL K . 12.07 -6.37 3.38
C24 6PL K . 10.77 -6.89 2.83
C23 6PL K . 9.60 -5.97 3.11
C22 6PL K . 8.88 -5.63 1.82
C21 6PL K . 9.16 -6.65 0.75
C20 6PL K . 8.82 -6.09 -0.61
C19 6PL K . 7.83 -4.96 -0.49
C18 6PL K . 6.39 -5.43 -0.65
C17 6PL K . 5.86 -5.12 -2.03
C16 6PL K . 4.39 -4.93 -1.98
C15 6PL K . 3.81 -5.40 -3.31
C14 6PL K . 4.82 -5.48 -4.43
C13 6PL K . 4.03 -5.92 -5.63
C12 6PL K . 4.75 -5.71 -6.93
C11 6PL K . 3.87 -5.87 -8.08
O11 6PL K . 2.97 -6.56 -7.93
O3 6PL K . 4.03 -5.22 -9.35
C3 6PL K . 3.34 -5.46 -10.55
C2 6PL K . 2.29 -4.45 -10.95
C1 6PL K . 2.42 -4.10 -12.39
O3P 6PL K . 1.06 -3.86 -12.71
P 6PL K . 0.28 -3.92 -14.06
O1P 6PL K . 0.58 -2.79 -14.83
O2P 6PL K . 0.56 -5.18 -14.63
O4P 6PL K . -1.16 -3.92 -13.44
O2 6PL K . 2.44 -3.29 -10.23
C31 6PL K . 1.27 -2.77 -9.48
O31 6PL K . 1.01 -1.59 -9.51
C32 6PL K . 0.37 -3.61 -8.65
C33 6PL K . -0.03 -2.80 -7.42
C34 6PL K . 1.18 -2.06 -6.88
C35 6PL K . 1.30 -2.07 -5.37
C36 6PL K . 2.73 -1.74 -4.95
C37 6PL K . 3.65 -1.55 -6.14
C38 6PL K . 4.89 -0.75 -5.77
C39 6PL K . 5.09 -0.81 -4.28
C40 6PL K . 6.57 -0.88 -3.90
C41 6PL K . 6.79 -0.68 -2.42
C42 6PL K . 8.20 -0.23 -2.14
C31 6PL L . 1.93 -19.07 0.60
C32 6PL L . 3.24 -19.15 1.38
C33 6PL L . 3.39 -18.28 2.61
C34 6PL L . 3.76 -18.98 3.90
C35 6PL L . 3.44 -18.28 5.21
C36 6PL L . 4.18 -19.07 6.26
C37 6PL L . 4.52 -18.41 7.56
C38 6PL L . 6.01 -18.25 7.84
C39 6PL L . 6.47 -19.11 8.98
C40 6PL L . 7.73 -18.72 9.67
C41 6PL L . 7.38 -17.79 10.82
C42 6PL L . 8.48 -16.94 11.40
C43 6PL L . 8.15 -16.07 12.58
C44 6PL L . 8.17 -14.54 12.42
C45 6PL L . 9.46 -13.81 11.99
C46 6PL L . 9.33 -12.36 11.53
C47 6PL L . 10.56 -11.73 10.97
C48 6PL L . 11.30 -10.90 11.96
#